data_7SJ2
#
_entry.id   7SJ2
#
_cell.length_a   94.542
_cell.length_b   87.142
_cell.length_c   108.369
_cell.angle_alpha   90.000
_cell.angle_beta   111.858
_cell.angle_gamma   90.000
#
_symmetry.space_group_name_H-M   'P 1 21 1'
#
loop_
_entity.id
_entity.type
_entity.pdbx_description
1 polymer 'N-acetylglucosamine-1-phosphotransferase subunit alpha,N-acetylglucosamine-1-phosphotransferase (GNPT) alpha (GNPTAB) catalytic domain,N-acetylglucosamine-1-phosphotransferase subunit beta'
2 branched alpha-D-mannopyranose-(1-3)-[alpha-D-mannopyranose-(1-6)]beta-D-mannopyranose-(1-4)-2-acetamido-2-deoxy-beta-D-glucopyranose-(1-4)-2-acetamido-2-deoxy-beta-D-glucopyranose
3 branched 2-acetamido-2-deoxy-beta-D-glucopyranose-(1-4)-[alpha-L-fucopyranose-(1-6)]2-acetamido-2-deoxy-beta-D-glucopyranose
4 branched alpha-L-fucopyranose-(1-6)-2-acetamido-2-deoxy-beta-D-glucopyranose
5 branched beta-D-mannopyranose-(1-4)-2-acetamido-2-deoxy-beta-D-glucopyranose-(1-4)-2-acetamido-2-deoxy-beta-D-glucopyranose
6 non-polymer 2-acetamido-2-deoxy-beta-D-glucopyranose
7 non-polymer 'CALCIUM ION'
8 non-polymer 'MAGNESIUM ION'
9 non-polymer URIDINE-DIPHOSPHATE-N-ACETYLGLUCOSAMINE
10 water water
#
_entity_poly.entity_id   1
_entity_poly.type   'polypeptide(L)'
_entity_poly.pdbx_seq_one_letter_code
;DRHHHHHHGSEVVVEWSRDQYHVLFDSYRDNVAGKSFQTRLCLPMPIDVVYTWVNGTDPKLIKEVTELKRSKRDPLIPEC
QGKQTPEKDKCYRDDNTASRFEDNEELRYSLRSIEKHAPWVRHIFIVTNGQIPSWLNLDNPRVSVVTHQDIFQNQTHLPT
FSSPAIETHIHRIPGLSQKFIYLNDDVMFGKDVWPDDFYSHSKGQKVYLTWPVPNDTFADSLRYVNRLLNAQFGFTSRKV
PAHMPHMIDRLIMQELQDTFPQEFDKTSSHRVRHSEDMQFAFSYFYFLMSAVQQLNISEVFDEIDTDHSGVLSDREIRTL
ATRIHELPLSLQDLTSLEQMLINCSKSLPSNLTHLHAVSPTQEAYYDPSMPPVTKGLVIHCKPITERIHKAFKDQNKYKF
EIMGEEEIAFKMIRTNVSHVVGQLDDIRKNPRKFICLNDNIDHIHKDAGTVKAVLRDFYESMFPLPSQFELPREYRNRFL
HMTELQEWRIYRDKL
;
_entity_poly.pdbx_strand_id   A,B
#
# COMPACT_ATOMS: atom_id res chain seq x y z
N VAL A 23 -17.58 -12.17 -16.71
CA VAL A 23 -16.44 -12.98 -16.29
C VAL A 23 -15.75 -12.30 -15.11
N LEU A 24 -14.95 -11.26 -15.39
CA LEU A 24 -14.43 -10.43 -14.30
C LEU A 24 -15.56 -9.71 -13.58
N PHE A 25 -16.53 -9.21 -14.35
CA PHE A 25 -17.76 -8.67 -13.75
C PHE A 25 -18.34 -9.66 -12.76
N ASP A 26 -18.47 -10.93 -13.17
CA ASP A 26 -18.98 -11.96 -12.27
C ASP A 26 -18.07 -12.17 -11.08
N SER A 27 -16.76 -11.95 -11.26
CA SER A 27 -15.81 -12.31 -10.21
C SER A 27 -15.86 -11.32 -9.04
N TYR A 28 -16.17 -10.05 -9.30
CA TYR A 28 -16.13 -9.04 -8.25
C TYR A 28 -17.37 -9.05 -7.37
N ARG A 29 -18.43 -9.74 -7.77
CA ARG A 29 -19.59 -9.95 -6.92
C ARG A 29 -19.56 -11.30 -6.22
N ASP A 30 -18.50 -12.09 -6.43
CA ASP A 30 -18.39 -13.43 -5.85
C ASP A 30 -17.84 -13.32 -4.42
N ASN A 31 -18.69 -12.81 -3.53
CA ASN A 31 -18.30 -12.60 -2.15
C ASN A 31 -19.54 -12.69 -1.27
N VAL A 32 -19.32 -12.65 0.05
CA VAL A 32 -20.41 -12.90 0.98
C VAL A 32 -21.49 -11.83 0.88
N ALA A 33 -21.11 -10.62 0.49
CA ALA A 33 -22.08 -9.54 0.31
C ALA A 33 -22.77 -9.58 -1.04
N GLY A 34 -22.24 -10.34 -1.99
CA GLY A 34 -22.78 -10.35 -3.34
C GLY A 34 -22.74 -9.01 -4.03
N LYS A 35 -21.82 -8.13 -3.63
CA LYS A 35 -21.72 -6.79 -4.18
C LYS A 35 -20.29 -6.55 -4.65
N SER A 36 -20.16 -5.73 -5.69
CA SER A 36 -18.86 -5.42 -6.26
C SER A 36 -18.16 -4.32 -5.46
N PHE A 37 -16.91 -4.57 -5.09
CA PHE A 37 -16.05 -3.57 -4.45
C PHE A 37 -14.87 -3.20 -5.34
N GLN A 38 -15.08 -3.22 -6.65
CA GLN A 38 -13.99 -3.01 -7.61
C GLN A 38 -13.35 -1.64 -7.43
N THR A 39 -14.16 -0.62 -7.16
CA THR A 39 -13.61 0.74 -7.04
C THR A 39 -12.67 0.86 -5.85
N ARG A 40 -12.88 0.05 -4.80
CA ARG A 40 -11.99 0.06 -3.65
C ARG A 40 -10.85 -0.94 -3.79
N LEU A 41 -11.08 -2.05 -4.49
CA LEU A 41 -10.05 -3.06 -4.67
C LEU A 41 -9.05 -2.71 -5.76
N CYS A 42 -9.36 -1.73 -6.62
CA CYS A 42 -8.52 -1.34 -7.73
C CYS A 42 -8.10 0.12 -7.58
N LEU A 43 -6.90 0.42 -8.05
CA LEU A 43 -6.41 1.79 -7.99
C LEU A 43 -7.26 2.68 -8.89
N PRO A 44 -7.33 3.99 -8.57
CA PRO A 44 -8.21 4.87 -9.35
C PRO A 44 -7.61 5.10 -10.74
N MET A 45 -8.45 5.02 -11.75
CA MET A 45 -8.07 5.19 -13.14
C MET A 45 -9.20 5.93 -13.83
N PRO A 46 -8.92 6.60 -14.95
CA PRO A 46 -7.61 6.75 -15.59
C PRO A 46 -6.75 7.80 -14.91
N ILE A 47 -5.46 7.80 -15.26
CA ILE A 47 -4.51 8.80 -14.79
C ILE A 47 -3.77 9.33 -16.02
N ASP A 48 -3.92 10.63 -16.27
CA ASP A 48 -3.18 11.30 -17.32
C ASP A 48 -1.91 11.92 -16.78
N VAL A 49 -1.03 12.30 -17.71
CA VAL A 49 0.19 13.03 -17.41
C VAL A 49 0.11 14.40 -18.06
N VAL A 50 0.59 15.41 -17.36
CA VAL A 50 0.71 16.77 -17.88
C VAL A 50 2.19 17.16 -17.81
N TYR A 51 2.72 17.61 -18.94
CA TYR A 51 4.02 18.26 -19.00
C TYR A 51 3.85 19.75 -19.25
N THR A 52 4.84 20.52 -18.83
CA THR A 52 5.09 21.83 -19.40
C THR A 52 6.42 21.79 -20.13
N TRP A 53 6.49 22.55 -21.23
CA TRP A 53 7.69 22.55 -22.05
C TRP A 53 7.84 23.90 -22.72
N VAL A 54 9.08 24.36 -22.81
CA VAL A 54 9.43 25.59 -23.49
C VAL A 54 10.72 25.35 -24.25
N ASN A 55 10.87 26.03 -25.38
CA ASN A 55 12.06 25.92 -26.23
C ASN A 55 12.75 27.29 -26.24
N GLY A 56 13.80 27.43 -25.43
CA GLY A 56 14.51 28.68 -25.28
C GLY A 56 15.33 29.09 -26.49
N THR A 57 15.56 28.19 -27.44
CA THR A 57 16.29 28.53 -28.65
C THR A 57 15.43 29.31 -29.63
N ASP A 58 14.11 29.23 -29.51
CA ASP A 58 13.18 30.00 -30.33
C ASP A 58 13.58 31.47 -30.33
N PRO A 59 13.96 32.04 -31.48
CA PRO A 59 14.44 33.43 -31.48
C PRO A 59 13.36 34.46 -31.19
N LYS A 60 12.09 34.14 -31.44
CA LYS A 60 11.02 35.07 -31.07
C LYS A 60 10.85 35.10 -29.56
N LEU A 61 11.00 33.95 -28.90
CA LEU A 61 10.97 33.91 -27.45
C LEU A 61 12.14 34.71 -26.87
N ILE A 62 13.34 34.53 -27.42
CA ILE A 62 14.51 35.24 -26.90
C ILE A 62 14.28 36.74 -26.96
N LYS A 63 13.78 37.23 -28.11
CA LYS A 63 13.55 38.66 -28.25
C LYS A 63 12.50 39.15 -27.25
N GLU A 64 11.41 38.40 -27.09
CA GLU A 64 10.33 38.84 -26.21
C GLU A 64 10.77 38.84 -24.75
N VAL A 65 11.51 37.81 -24.34
CA VAL A 65 12.00 37.76 -22.96
C VAL A 65 12.94 38.93 -22.68
N THR A 66 13.88 39.17 -23.59
CA THR A 66 14.81 40.27 -23.41
C THR A 66 14.07 41.60 -23.23
N GLU A 67 13.04 41.83 -24.04
CA GLU A 67 12.30 43.09 -23.94
C GLU A 67 11.56 43.19 -22.61
N LEU A 68 10.94 42.09 -22.17
CA LEU A 68 10.23 42.11 -20.90
C LEU A 68 11.17 42.42 -19.75
N LYS A 69 12.34 41.78 -19.73
CA LYS A 69 13.33 42.07 -18.70
C LYS A 69 13.70 43.55 -18.70
N ARG A 70 14.02 44.09 -19.89
CA ARG A 70 14.48 45.47 -19.99
C ARG A 70 13.46 46.43 -19.38
N SER A 71 12.19 46.27 -19.75
CA SER A 71 11.16 47.16 -19.23
C SER A 71 11.10 47.13 -17.71
N LYS A 72 11.44 45.99 -17.11
CA LYS A 72 11.49 45.88 -15.66
C LYS A 72 12.91 46.19 -15.17
N ASP A 94 20.93 37.99 -14.24
CA ASP A 94 19.57 38.24 -13.79
C ASP A 94 18.95 36.94 -13.27
N ASP A 95 17.64 36.96 -13.00
CA ASP A 95 16.97 35.82 -12.41
C ASP A 95 16.32 34.90 -13.42
N ASN A 96 16.27 35.29 -14.70
CA ASN A 96 15.64 34.47 -15.74
C ASN A 96 16.65 34.27 -16.88
N THR A 97 17.70 33.52 -16.60
CA THR A 97 18.74 33.26 -17.59
C THR A 97 18.27 32.19 -18.57
N ALA A 98 19.16 31.81 -19.48
CA ALA A 98 18.81 30.79 -20.46
C ALA A 98 18.43 29.47 -19.80
N SER A 99 18.98 29.19 -18.61
CA SER A 99 18.68 27.96 -17.89
C SER A 99 17.19 27.79 -17.61
N ARG A 100 16.42 28.87 -17.63
CA ARG A 100 14.98 28.76 -17.40
C ARG A 100 14.28 28.09 -18.57
N PHE A 101 14.83 28.21 -19.79
CA PHE A 101 14.06 27.89 -20.99
C PHE A 101 14.74 26.89 -21.91
N GLU A 102 15.96 26.45 -21.61
CA GLU A 102 16.76 25.67 -22.55
C GLU A 102 16.26 24.22 -22.61
N ASP A 103 15.88 23.78 -23.81
CA ASP A 103 15.59 22.37 -24.07
C ASP A 103 16.91 21.61 -24.22
N ASN A 104 17.22 20.75 -23.26
CA ASN A 104 18.40 19.88 -23.33
C ASN A 104 18.01 18.44 -23.64
N GLU A 105 16.89 18.25 -24.34
CA GLU A 105 16.31 16.95 -24.72
C GLU A 105 15.59 16.28 -23.56
N GLU A 106 15.33 16.99 -22.45
CA GLU A 106 14.73 16.36 -21.28
C GLU A 106 13.36 15.76 -21.60
N LEU A 107 12.49 16.52 -22.29
CA LEU A 107 11.14 16.03 -22.56
C LEU A 107 11.18 14.76 -23.40
N ARG A 108 12.02 14.73 -24.43
CA ARG A 108 12.10 13.55 -25.28
C ARG A 108 12.38 12.31 -24.45
N TYR A 109 13.34 12.40 -23.54
CA TYR A 109 13.73 11.21 -22.79
C TYR A 109 12.75 10.90 -21.67
N SER A 110 12.09 11.92 -21.13
CA SER A 110 11.06 11.66 -20.12
C SER A 110 9.89 10.90 -20.73
N LEU A 111 9.51 11.23 -21.96
CA LEU A 111 8.45 10.48 -22.64
C LEU A 111 8.87 9.04 -22.87
N ARG A 112 10.16 8.81 -23.16
CA ARG A 112 10.64 7.43 -23.27
C ARG A 112 10.54 6.72 -21.92
N SER A 113 10.74 7.45 -20.82
CA SER A 113 10.67 6.82 -19.50
C SER A 113 9.23 6.50 -19.12
N ILE A 114 8.25 7.25 -19.65
CA ILE A 114 6.86 6.89 -19.43
C ILE A 114 6.53 5.59 -20.16
N GLU A 115 6.92 5.50 -21.43
CA GLU A 115 6.65 4.30 -22.20
C GLU A 115 7.25 3.07 -21.55
N LYS A 116 8.40 3.22 -20.90
CA LYS A 116 9.05 2.07 -20.28
C LYS A 116 8.58 1.82 -18.85
N HIS A 117 8.30 2.87 -18.09
CA HIS A 117 8.09 2.74 -16.65
C HIS A 117 6.69 3.10 -16.17
N ALA A 118 5.88 3.79 -16.97
CA ALA A 118 4.51 4.13 -16.60
C ALA A 118 3.57 3.83 -17.76
N PRO A 119 3.58 2.60 -18.28
CA PRO A 119 2.76 2.28 -19.45
C PRO A 119 1.26 2.38 -19.19
N TRP A 120 0.84 2.53 -17.94
CA TRP A 120 -0.57 2.61 -17.57
C TRP A 120 -1.16 4.02 -17.71
N VAL A 121 -0.36 5.03 -18.07
CA VAL A 121 -0.89 6.37 -18.28
C VAL A 121 -1.84 6.36 -19.47
N ARG A 122 -2.93 7.14 -19.35
CA ARG A 122 -3.93 7.19 -20.42
C ARG A 122 -3.53 8.17 -21.52
N HIS A 123 -3.35 9.44 -21.16
CA HIS A 123 -3.08 10.49 -22.13
C HIS A 123 -2.01 11.42 -21.58
N ILE A 124 -1.23 12.01 -22.48
CA ILE A 124 -0.17 12.95 -22.14
C ILE A 124 -0.53 14.30 -22.74
N PHE A 125 -0.73 15.30 -21.89
CA PHE A 125 -0.90 16.68 -22.31
C PHE A 125 0.41 17.42 -22.15
N ILE A 126 0.84 18.10 -23.20
CA ILE A 126 2.06 18.90 -23.18
C ILE A 126 1.64 20.37 -23.29
N VAL A 127 1.82 21.12 -22.22
CA VAL A 127 1.37 22.51 -22.15
C VAL A 127 2.50 23.42 -22.58
N THR A 128 2.23 24.26 -23.59
CA THR A 128 3.23 25.18 -24.15
C THR A 128 2.59 26.53 -24.41
N ASN A 129 3.41 27.48 -24.86
CA ASN A 129 2.94 28.78 -25.31
C ASN A 129 2.54 28.78 -26.79
N GLY A 130 2.36 27.59 -27.37
CA GLY A 130 2.17 27.45 -28.80
C GLY A 130 3.29 26.69 -29.48
N GLN A 131 4.48 26.68 -28.89
CA GLN A 131 5.58 25.89 -29.40
C GLN A 131 5.21 24.42 -29.43
N ILE A 132 5.78 23.70 -30.39
CA ILE A 132 5.62 22.25 -30.48
C ILE A 132 7.00 21.66 -30.78
N PRO A 133 7.45 20.64 -30.05
CA PRO A 133 8.71 19.99 -30.42
C PRO A 133 8.64 19.48 -31.86
N SER A 134 9.72 19.73 -32.61
CA SER A 134 9.75 19.32 -34.01
C SER A 134 9.56 17.82 -34.16
N TRP A 135 9.95 17.03 -33.16
CA TRP A 135 9.90 15.58 -33.25
C TRP A 135 8.60 14.98 -32.70
N LEU A 136 7.67 15.79 -32.22
CA LEU A 136 6.48 15.27 -31.56
C LEU A 136 5.48 14.72 -32.58
N ASN A 137 5.08 13.47 -32.38
CA ASN A 137 4.18 12.78 -33.31
C ASN A 137 2.74 13.04 -32.88
N LEU A 138 2.17 14.13 -33.39
CA LEU A 138 0.80 14.50 -33.03
C LEU A 138 -0.24 13.64 -33.73
N ASP A 139 0.15 12.81 -34.70
CA ASP A 139 -0.78 11.81 -35.22
C ASP A 139 -1.08 10.74 -34.19
N ASN A 140 -0.25 10.61 -33.15
CA ASN A 140 -0.52 9.69 -32.06
C ASN A 140 -1.57 10.31 -31.15
N PRO A 141 -2.78 9.75 -31.07
CA PRO A 141 -3.83 10.36 -30.24
C PRO A 141 -3.55 10.29 -28.74
N ARG A 142 -2.50 9.62 -28.31
CA ARG A 142 -2.20 9.54 -26.88
C ARG A 142 -1.50 10.78 -26.34
N VAL A 143 -1.18 11.75 -27.21
CA VAL A 143 -0.48 12.97 -26.81
C VAL A 143 -1.15 14.15 -27.50
N SER A 144 -1.22 15.28 -26.80
CA SER A 144 -1.79 16.48 -27.37
C SER A 144 -1.07 17.69 -26.79
N VAL A 145 -1.16 18.80 -27.50
CA VAL A 145 -0.58 20.07 -27.08
C VAL A 145 -1.69 20.97 -26.61
N VAL A 146 -1.48 21.62 -25.47
CA VAL A 146 -2.41 22.59 -24.89
C VAL A 146 -1.65 23.90 -24.73
N THR A 147 -2.23 24.99 -25.22
CA THR A 147 -1.59 26.29 -25.15
C THR A 147 -2.00 27.03 -23.88
N HIS A 148 -1.15 27.97 -23.47
CA HIS A 148 -1.50 28.83 -22.34
C HIS A 148 -2.84 29.53 -22.57
N GLN A 149 -3.09 30.00 -23.80
CA GLN A 149 -4.37 30.64 -24.10
C GLN A 149 -5.55 29.74 -23.74
N ASP A 150 -5.39 28.42 -23.89
CA ASP A 150 -6.50 27.51 -23.65
C ASP A 150 -6.86 27.37 -22.18
N ILE A 151 -5.95 27.69 -21.25
CA ILE A 151 -6.17 27.43 -19.84
C ILE A 151 -6.08 28.67 -18.96
N PHE A 152 -5.37 29.72 -19.37
CA PHE A 152 -5.34 30.93 -18.56
C PHE A 152 -6.71 31.58 -18.53
N GLN A 153 -7.04 32.17 -17.38
CA GLN A 153 -8.33 32.83 -17.23
C GLN A 153 -8.29 34.28 -17.71
N ASN A 154 -7.26 35.02 -17.31
CA ASN A 154 -7.04 36.39 -17.76
C ASN A 154 -6.04 36.36 -18.89
N GLN A 155 -6.49 36.64 -20.12
CA GLN A 155 -5.60 36.66 -21.27
C GLN A 155 -4.56 37.77 -21.18
N THR A 156 -4.81 38.81 -20.38
CA THR A 156 -3.84 39.88 -20.22
C THR A 156 -2.56 39.38 -19.55
N HIS A 157 -2.59 38.20 -18.92
CA HIS A 157 -1.41 37.62 -18.32
C HIS A 157 -0.49 36.95 -19.33
N LEU A 158 -0.89 36.90 -20.60
CA LEU A 158 -0.09 36.26 -21.63
C LEU A 158 0.45 37.30 -22.61
N PRO A 159 1.59 37.04 -23.27
CA PRO A 159 2.40 35.82 -23.14
C PRO A 159 3.11 35.76 -21.79
N THR A 160 3.41 34.56 -21.31
CA THR A 160 4.05 34.40 -20.00
C THR A 160 5.36 33.65 -20.15
N PHE A 161 6.23 33.86 -19.16
CA PHE A 161 7.50 33.17 -19.10
C PHE A 161 7.77 32.71 -17.67
N SER A 162 6.71 32.38 -16.94
CA SER A 162 6.79 32.04 -15.52
C SER A 162 6.15 30.68 -15.32
N SER A 163 6.94 29.69 -14.90
CA SER A 163 6.37 28.38 -14.64
C SER A 163 5.34 28.41 -13.51
N PRO A 164 5.53 29.16 -12.42
CA PRO A 164 4.46 29.19 -11.40
C PRO A 164 3.13 29.70 -11.93
N ALA A 165 3.15 30.72 -12.80
CA ALA A 165 1.89 31.24 -13.36
C ALA A 165 1.23 30.19 -14.24
N ILE A 166 2.00 29.53 -15.11
CA ILE A 166 1.45 28.47 -15.95
C ILE A 166 0.86 27.38 -15.08
N GLU A 167 1.56 27.02 -14.00
CA GLU A 167 1.16 25.90 -13.18
C GLU A 167 -0.12 26.16 -12.40
N THR A 168 -0.53 27.43 -12.22
CA THR A 168 -1.80 27.68 -11.55
C THR A 168 -3.01 27.26 -12.39
N HIS A 169 -2.81 26.96 -13.68
CA HIS A 169 -3.92 26.68 -14.58
C HIS A 169 -3.94 25.28 -15.17
N ILE A 170 -2.90 24.46 -14.95
CA ILE A 170 -2.85 23.18 -15.63
C ILE A 170 -3.94 22.22 -15.16
N HIS A 171 -4.52 22.45 -13.98
CA HIS A 171 -5.65 21.64 -13.56
C HIS A 171 -6.93 21.95 -14.32
N ARG A 172 -6.92 22.95 -15.20
CA ARG A 172 -8.11 23.32 -15.98
C ARG A 172 -8.15 22.66 -17.34
N ILE A 173 -7.19 21.81 -17.67
CA ILE A 173 -7.13 21.19 -18.99
C ILE A 173 -8.43 20.45 -19.25
N PRO A 174 -9.18 20.79 -20.31
CA PRO A 174 -10.40 20.05 -20.61
C PRO A 174 -10.12 18.58 -20.86
N GLY A 175 -10.91 17.72 -20.22
CA GLY A 175 -10.75 16.29 -20.35
C GLY A 175 -9.71 15.67 -19.44
N LEU A 176 -9.01 16.48 -18.64
CA LEU A 176 -7.99 15.95 -17.76
C LEU A 176 -8.60 15.05 -16.70
N SER A 177 -7.95 13.93 -16.42
CA SER A 177 -8.40 13.02 -15.38
C SER A 177 -8.38 13.74 -14.03
N GLN A 178 -9.33 13.37 -13.16
CA GLN A 178 -9.45 14.04 -11.87
C GLN A 178 -8.13 13.96 -11.09
N LYS A 179 -7.49 12.80 -11.09
CA LYS A 179 -6.14 12.66 -10.58
C LYS A 179 -5.19 12.55 -11.76
N PHE A 180 -4.23 13.47 -11.84
CA PHE A 180 -3.25 13.48 -12.91
C PHE A 180 -1.88 13.67 -12.29
N ILE A 181 -0.84 13.35 -13.06
CA ILE A 181 0.54 13.46 -12.61
C ILE A 181 1.21 14.52 -13.45
N TYR A 182 1.71 15.57 -12.79
CA TYR A 182 2.39 16.67 -13.45
C TYR A 182 3.90 16.45 -13.39
N LEU A 183 4.54 16.45 -14.55
CA LEU A 183 5.98 16.38 -14.66
C LEU A 183 6.50 17.64 -15.32
N ASN A 184 7.48 18.29 -14.68
CA ASN A 184 8.37 19.18 -15.40
C ASN A 184 9.06 18.38 -16.50
N ASP A 185 9.47 19.08 -17.57
CA ASP A 185 10.17 18.38 -18.64
C ASP A 185 11.45 17.73 -18.14
N ASP A 186 12.11 18.32 -17.14
CA ASP A 186 13.40 17.80 -16.66
C ASP A 186 13.23 16.74 -15.57
N VAL A 187 12.02 16.24 -15.38
CA VAL A 187 11.73 15.17 -14.44
C VAL A 187 11.37 13.94 -15.26
N MET A 188 11.81 12.77 -14.80
CA MET A 188 11.51 11.53 -15.49
C MET A 188 11.51 10.37 -14.50
N PHE A 189 11.05 9.22 -14.96
CA PHE A 189 11.04 8.00 -14.16
C PHE A 189 12.30 7.20 -14.43
N GLY A 190 12.88 6.65 -13.36
CA GLY A 190 14.10 5.88 -13.47
C GLY A 190 13.94 4.42 -13.07
N LYS A 191 12.72 4.05 -12.68
CA LYS A 191 12.36 2.68 -12.35
C LYS A 191 10.87 2.53 -12.61
N ASP A 192 10.39 1.29 -12.67
CA ASP A 192 8.97 1.07 -12.82
C ASP A 192 8.22 1.73 -11.67
N VAL A 193 7.18 2.48 -12.01
CA VAL A 193 6.31 3.11 -11.03
C VAL A 193 4.88 2.69 -11.35
N TRP A 194 4.03 2.79 -10.32
CA TRP A 194 2.61 2.47 -10.45
C TRP A 194 1.81 3.53 -9.70
N PRO A 195 0.50 3.60 -9.91
CA PRO A 195 -0.29 4.63 -9.23
C PRO A 195 -0.12 4.61 -7.72
N ASP A 196 0.10 3.45 -7.12
CA ASP A 196 0.30 3.38 -5.67
C ASP A 196 1.61 4.03 -5.22
N ASP A 197 2.47 4.44 -6.15
CA ASP A 197 3.58 5.30 -5.78
C ASP A 197 3.14 6.73 -5.53
N PHE A 198 1.89 7.05 -5.79
CA PHE A 198 1.35 8.38 -5.60
C PHE A 198 0.14 8.43 -4.69
N TYR A 199 -0.60 7.32 -4.53
CA TYR A 199 -1.90 7.34 -3.88
C TYR A 199 -2.32 5.92 -3.52
N SER A 200 -2.96 5.77 -2.35
CA SER A 200 -3.67 4.56 -1.99
C SER A 200 -5.04 4.94 -1.43
N HIS A 201 -6.00 4.03 -1.59
CA HIS A 201 -7.32 4.26 -1.01
C HIS A 201 -7.25 4.33 0.51
N SER A 202 -6.41 3.48 1.13
CA SER A 202 -6.38 3.41 2.59
C SER A 202 -5.72 4.63 3.21
N LYS A 203 -4.63 5.12 2.60
CA LYS A 203 -3.84 6.19 3.20
C LYS A 203 -3.80 7.47 2.39
N GLY A 204 -4.47 7.51 1.24
CA GLY A 204 -4.54 8.74 0.46
C GLY A 204 -3.26 9.03 -0.30
N GLN A 205 -3.13 10.29 -0.71
CA GLN A 205 -1.98 10.70 -1.50
C GLN A 205 -0.70 10.62 -0.69
N LYS A 206 0.37 10.16 -1.33
CA LYS A 206 1.69 10.19 -0.74
C LYS A 206 2.28 11.58 -0.88
N VAL A 207 2.97 12.04 0.16
CA VAL A 207 3.59 13.35 0.19
C VAL A 207 5.07 13.14 0.44
N TYR A 208 5.90 13.53 -0.53
CA TYR A 208 7.34 13.32 -0.49
C TYR A 208 8.00 14.61 -0.02
N LEU A 209 8.45 14.61 1.24
CA LEU A 209 9.01 15.79 1.88
C LEU A 209 10.51 15.65 2.07
N THR A 210 11.21 16.77 1.93
CA THR A 210 12.65 16.84 2.08
C THR A 210 13.01 17.92 3.08
N TRP A 211 14.04 17.69 3.87
CA TRP A 211 14.57 18.76 4.70
C TRP A 211 14.97 19.92 3.79
N PRO A 212 14.58 21.17 4.11
CA PRO A 212 14.65 22.32 3.19
C PRO A 212 15.70 22.22 2.09
N ALA A 219 13.24 29.94 -2.51
CA ALA A 219 13.01 29.92 -1.06
C ALA A 219 12.21 31.15 -0.63
N ASP A 220 12.51 32.29 -1.25
CA ASP A 220 11.73 33.50 -0.99
C ASP A 220 10.26 33.28 -1.32
N SER A 221 9.98 32.50 -2.37
CA SER A 221 8.61 32.16 -2.71
C SER A 221 7.96 31.39 -1.56
N LEU A 222 8.73 30.51 -0.92
CA LEU A 222 8.17 29.70 0.17
C LEU A 222 7.88 30.56 1.39
N ARG A 223 8.73 31.56 1.66
CA ARG A 223 8.47 32.45 2.78
C ARG A 223 7.11 33.13 2.64
N TYR A 224 6.76 33.52 1.40
CA TYR A 224 5.47 34.14 1.16
C TYR A 224 4.33 33.16 1.40
N VAL A 225 4.44 31.94 0.85
CA VAL A 225 3.39 30.96 1.04
C VAL A 225 3.33 30.51 2.49
N ASN A 226 4.49 30.34 3.13
CA ASN A 226 4.51 29.93 4.53
C ASN A 226 3.73 30.89 5.41
N ARG A 227 3.90 32.20 5.19
CA ARG A 227 3.16 33.16 5.99
C ARG A 227 1.66 33.01 5.77
N LEU A 228 1.24 32.81 4.52
CA LEU A 228 -0.18 32.61 4.23
C LEU A 228 -0.72 31.37 4.92
N LEU A 229 0.04 30.28 4.90
CA LEU A 229 -0.41 29.05 5.55
C LEU A 229 -0.44 29.19 7.06
N ASN A 230 0.56 29.86 7.64
CA ASN A 230 0.57 30.04 9.09
C ASN A 230 -0.65 30.81 9.56
N ALA A 231 -1.03 31.86 8.81
CA ALA A 231 -2.19 32.64 9.18
C ALA A 231 -3.48 31.84 9.02
N GLN A 232 -3.54 30.95 8.02
CA GLN A 232 -4.77 30.24 7.72
C GLN A 232 -4.98 29.05 8.65
N PHE A 233 -3.91 28.33 8.98
CA PHE A 233 -4.00 27.08 9.72
C PHE A 233 -3.23 27.07 11.03
N GLY A 234 -2.57 28.18 11.39
CA GLY A 234 -1.69 28.20 12.53
C GLY A 234 -0.25 27.93 12.13
N PHE A 235 0.67 28.37 13.00
CA PHE A 235 2.08 28.32 12.65
C PHE A 235 2.65 26.91 12.78
N THR A 236 3.42 26.52 11.78
CA THR A 236 4.20 25.29 11.84
C THR A 236 5.42 25.49 10.95
N SER A 237 6.51 24.82 11.31
CA SER A 237 7.67 24.73 10.43
C SER A 237 7.44 23.62 9.42
N ARG A 238 7.64 23.93 8.15
CA ARG A 238 7.26 23.05 7.05
C ARG A 238 8.48 22.60 6.26
N LYS A 239 8.46 21.35 5.82
CA LYS A 239 9.45 20.82 4.90
C LYS A 239 8.98 21.01 3.46
N VAL A 240 9.93 20.94 2.53
CA VAL A 240 9.64 21.22 1.13
C VAL A 240 9.38 19.92 0.38
N PRO A 241 8.38 19.85 -0.50
CA PRO A 241 8.19 18.64 -1.31
C PRO A 241 9.37 18.40 -2.24
N ALA A 242 9.59 17.13 -2.56
CA ALA A 242 10.66 16.75 -3.46
C ALA A 242 10.42 17.28 -4.87
N HIS A 243 11.51 17.47 -5.61
CA HIS A 243 11.46 17.82 -7.03
C HIS A 243 11.21 16.53 -7.79
N MET A 244 9.95 16.28 -8.12
CA MET A 244 9.55 14.99 -8.66
C MET A 244 8.24 15.14 -9.42
N PRO A 245 7.76 14.09 -10.07
CA PRO A 245 6.37 14.11 -10.57
C PRO A 245 5.41 14.27 -9.41
N HIS A 246 4.36 15.07 -9.61
CA HIS A 246 3.39 15.37 -8.57
C HIS A 246 2.00 14.95 -9.00
N MET A 247 1.38 14.06 -8.23
CA MET A 247 -0.01 13.74 -8.46
C MET A 247 -0.89 14.84 -7.87
N ILE A 248 -1.82 15.31 -8.68
CA ILE A 248 -2.71 16.40 -8.30
C ILE A 248 -4.14 15.93 -8.53
N ASP A 249 -5.01 16.21 -7.57
CA ASP A 249 -6.44 16.03 -7.71
C ASP A 249 -7.06 17.36 -8.07
N ARG A 250 -7.80 17.40 -9.19
CA ARG A 250 -8.33 18.66 -9.71
C ARG A 250 -9.28 19.32 -8.71
N LEU A 251 -10.06 18.52 -7.98
CA LEU A 251 -11.03 19.11 -7.07
C LEU A 251 -10.33 19.74 -5.86
N ILE A 252 -9.27 19.10 -5.37
CA ILE A 252 -8.54 19.68 -4.24
C ILE A 252 -7.78 20.92 -4.68
N MET A 253 -7.24 20.91 -5.90
CA MET A 253 -6.55 22.09 -6.40
C MET A 253 -7.49 23.27 -6.49
N GLN A 254 -8.71 23.05 -6.99
CA GLN A 254 -9.67 24.15 -7.09
C GLN A 254 -10.09 24.63 -5.70
N GLU A 255 -10.31 23.70 -4.77
CA GLU A 255 -10.62 24.10 -3.40
C GLU A 255 -9.49 24.94 -2.82
N LEU A 256 -8.25 24.56 -3.09
CA LEU A 256 -7.11 25.36 -2.64
C LEU A 256 -7.14 26.76 -3.24
N GLN A 257 -7.40 26.85 -4.55
CA GLN A 257 -7.38 28.16 -5.20
C GLN A 257 -8.61 29.00 -4.87
N ASP A 258 -9.70 28.37 -4.41
CA ASP A 258 -10.82 29.13 -3.89
C ASP A 258 -10.59 29.61 -2.47
N THR A 259 -9.58 29.08 -1.78
CA THR A 259 -9.19 29.57 -0.47
C THR A 259 -8.23 30.74 -0.55
N PHE A 260 -7.45 30.86 -1.63
CA PHE A 260 -6.54 31.98 -1.85
C PHE A 260 -6.70 32.56 -3.25
N PRO A 261 -7.93 32.93 -3.63
CA PRO A 261 -8.14 33.41 -5.02
C PRO A 261 -7.30 34.62 -5.39
N GLN A 262 -7.14 35.59 -4.47
CA GLN A 262 -6.32 36.75 -4.78
C GLN A 262 -4.90 36.35 -5.10
N GLU A 263 -4.32 35.47 -4.27
CA GLU A 263 -2.91 35.15 -4.41
C GLU A 263 -2.63 34.33 -5.65
N PHE A 264 -3.58 33.51 -6.10
CA PHE A 264 -3.36 32.73 -7.31
C PHE A 264 -3.52 33.58 -8.56
N ASP A 265 -4.48 34.51 -8.55
CA ASP A 265 -4.56 35.49 -9.63
C ASP A 265 -3.28 36.32 -9.72
N LYS A 266 -2.74 36.71 -8.57
CA LYS A 266 -1.48 37.45 -8.56
C LYS A 266 -0.33 36.59 -9.10
N THR A 267 -0.27 35.32 -8.70
CA THR A 267 0.75 34.43 -9.24
C THR A 267 0.59 34.28 -10.75
N SER A 268 -0.64 34.09 -11.21
CA SER A 268 -0.89 33.97 -12.64
C SER A 268 -0.47 35.22 -13.40
N SER A 269 -0.56 36.39 -12.76
CA SER A 269 -0.30 37.66 -13.44
C SER A 269 1.19 38.00 -13.51
N HIS A 270 2.05 37.26 -12.83
CA HIS A 270 3.48 37.50 -12.89
C HIS A 270 4.03 36.83 -14.15
N ARG A 271 4.49 37.63 -15.11
CA ARG A 271 4.94 37.10 -16.38
C ARG A 271 6.38 36.58 -16.30
N VAL A 272 7.10 36.87 -15.22
CA VAL A 272 8.30 36.14 -14.85
C VAL A 272 8.19 35.75 -13.38
N ARG A 273 9.00 34.76 -12.99
CA ARG A 273 9.07 34.30 -11.61
C ARG A 273 9.08 35.48 -10.64
N HIS A 274 8.36 35.32 -9.54
CA HIS A 274 8.19 36.40 -8.57
C HIS A 274 8.37 35.87 -7.16
N SER A 275 8.85 36.74 -6.26
CA SER A 275 9.05 36.36 -4.87
C SER A 275 7.75 36.01 -4.16
N GLU A 276 6.61 36.47 -4.68
CA GLU A 276 5.33 36.25 -4.05
C GLU A 276 4.43 35.39 -4.92
N ASP A 277 4.91 34.18 -5.26
CA ASP A 277 4.13 33.22 -6.02
C ASP A 277 3.65 32.11 -5.11
N MET A 278 2.43 31.62 -5.37
CA MET A 278 1.96 30.40 -4.73
C MET A 278 2.68 29.20 -5.35
N GLN A 279 3.79 28.78 -4.73
CA GLN A 279 4.57 27.66 -5.23
C GLN A 279 3.69 26.43 -5.40
N PHE A 280 3.77 25.81 -6.58
CA PHE A 280 2.78 24.82 -7.01
C PHE A 280 2.68 23.65 -6.02
N ALA A 281 3.75 22.88 -5.88
CA ALA A 281 3.68 21.69 -5.05
C ALA A 281 3.54 22.03 -3.58
N PHE A 282 4.26 23.07 -3.13
CA PHE A 282 4.21 23.44 -1.72
C PHE A 282 2.80 23.84 -1.30
N SER A 283 2.16 24.69 -2.11
CA SER A 283 0.79 25.12 -1.83
C SER A 283 -0.15 23.93 -1.80
N TYR A 284 -0.05 23.05 -2.81
CA TYR A 284 -1.03 21.98 -2.96
C TYR A 284 -0.94 20.98 -1.81
N PHE A 285 0.25 20.49 -1.52
CA PHE A 285 0.36 19.40 -0.56
C PHE A 285 0.18 19.86 0.88
N TYR A 286 0.49 21.13 1.20
CA TYR A 286 0.22 21.60 2.55
C TYR A 286 -1.25 21.99 2.73
N PHE A 287 -1.91 22.43 1.67
CA PHE A 287 -3.37 22.55 1.76
C PHE A 287 -4.01 21.19 2.00
N LEU A 288 -3.57 20.19 1.23
CA LEU A 288 -4.11 18.85 1.41
C LEU A 288 -3.88 18.34 2.83
N MET A 289 -2.71 18.60 3.41
CA MET A 289 -2.41 18.13 4.75
C MET A 289 -3.00 18.99 5.86
N SER A 290 -3.48 20.20 5.53
CA SER A 290 -3.90 21.15 6.55
C SER A 290 -5.41 21.35 6.62
N ALA A 291 -6.12 21.16 5.51
CA ALA A 291 -7.57 21.35 5.51
C ALA A 291 -8.20 20.49 6.60
N VAL A 292 -9.11 21.08 7.36
CA VAL A 292 -9.77 20.39 8.46
C VAL A 292 -11.25 20.27 8.15
N GLN A 293 -11.86 19.23 8.72
CA GLN A 293 -13.29 18.98 8.59
C GLN A 293 -13.87 18.80 9.97
N GLN A 294 -15.06 19.33 10.19
CA GLN A 294 -15.76 19.09 11.43
C GLN A 294 -16.43 17.73 11.40
N LEU A 295 -16.49 17.09 12.56
CA LEU A 295 -17.11 15.78 12.66
C LEU A 295 -18.61 15.88 12.35
N ASN A 296 -19.11 14.91 11.59
CA ASN A 296 -20.52 14.85 11.23
C ASN A 296 -21.23 14.02 12.29
N ILE A 297 -22.02 14.68 13.14
CA ILE A 297 -22.64 13.99 14.27
C ILE A 297 -23.58 12.90 13.78
N SER A 298 -24.28 13.14 12.67
CA SER A 298 -25.18 12.14 12.13
C SER A 298 -24.44 10.83 11.83
N GLU A 299 -23.20 10.94 11.35
CA GLU A 299 -22.42 9.74 11.05
C GLU A 299 -21.88 9.08 12.32
N VAL A 300 -21.53 9.87 13.33
CA VAL A 300 -21.20 9.30 14.63
C VAL A 300 -22.36 8.43 15.12
N PHE A 301 -23.56 9.01 15.15
CA PHE A 301 -24.75 8.28 15.59
C PHE A 301 -24.89 6.96 14.86
N ASP A 302 -24.70 6.96 13.54
CA ASP A 302 -24.86 5.74 12.76
C ASP A 302 -23.84 4.68 13.16
N GLU A 303 -22.62 5.09 13.50
CA GLU A 303 -21.63 4.12 13.94
C GLU A 303 -21.99 3.53 15.31
N ILE A 304 -22.53 4.37 16.20
CA ILE A 304 -22.94 3.89 17.51
C ILE A 304 -24.15 2.98 17.39
N ASP A 305 -25.10 3.33 16.50
CA ASP A 305 -26.35 2.59 16.33
C ASP A 305 -26.07 1.36 15.48
N THR A 306 -25.46 0.36 16.13
CA THR A 306 -24.93 -0.80 15.40
C THR A 306 -26.03 -1.73 14.88
N ASP A 307 -27.24 -1.68 15.44
CA ASP A 307 -28.35 -2.43 14.88
C ASP A 307 -29.15 -1.62 13.85
N HIS A 308 -28.73 -0.39 13.57
CA HIS A 308 -29.37 0.46 12.56
C HIS A 308 -30.85 0.68 12.88
N SER A 309 -31.21 0.76 14.15
CA SER A 309 -32.60 0.91 14.56
C SER A 309 -33.02 2.37 14.72
N GLY A 310 -32.10 3.32 14.55
CA GLY A 310 -32.42 4.72 14.72
C GLY A 310 -32.58 5.15 16.16
N VAL A 311 -32.54 4.24 17.13
CA VAL A 311 -32.60 4.56 18.55
C VAL A 311 -31.37 3.94 19.22
N LEU A 312 -30.80 4.66 20.18
CA LEU A 312 -29.62 4.18 20.90
C LEU A 312 -30.07 3.43 22.15
N SER A 313 -29.76 2.15 22.20
CA SER A 313 -29.98 1.37 23.41
C SER A 313 -28.96 1.76 24.48
N ASP A 314 -29.21 1.31 25.71
CA ASP A 314 -28.23 1.50 26.78
C ASP A 314 -26.87 0.95 26.36
N ARG A 315 -26.87 -0.23 25.74
CA ARG A 315 -25.62 -0.84 25.30
C ARG A 315 -24.88 0.05 24.31
N GLU A 316 -25.61 0.65 23.36
CA GLU A 316 -24.99 1.56 22.41
C GLU A 316 -24.62 2.89 23.05
N ILE A 317 -25.43 3.34 24.01
CA ILE A 317 -25.13 4.60 24.71
C ILE A 317 -23.80 4.48 25.45
N ARG A 318 -23.51 3.31 26.02
CA ARG A 318 -22.25 3.15 26.74
C ARG A 318 -21.06 3.42 25.83
N THR A 319 -21.10 2.89 24.61
CA THR A 319 -20.04 3.18 23.65
C THR A 319 -19.89 4.68 23.45
N LEU A 320 -21.01 5.39 23.28
CA LEU A 320 -20.95 6.84 23.15
C LEU A 320 -20.30 7.47 24.37
N ALA A 321 -20.56 6.93 25.56
CA ALA A 321 -20.02 7.51 26.79
C ALA A 321 -18.51 7.35 26.86
N THR A 322 -17.99 6.20 26.45
CA THR A 322 -16.54 6.00 26.46
C THR A 322 -15.85 6.94 25.47
N ARG A 323 -16.53 7.31 24.39
CA ARG A 323 -15.90 8.13 23.36
C ARG A 323 -15.77 9.59 23.77
N ILE A 324 -16.56 10.05 24.75
CA ILE A 324 -16.49 11.43 25.21
C ILE A 324 -15.95 11.52 26.64
N HIS A 325 -15.50 10.40 27.20
CA HIS A 325 -15.00 10.39 28.56
C HIS A 325 -13.67 9.64 28.61
N GLU A 326 -12.89 9.96 29.64
CA GLU A 326 -11.65 9.26 29.89
C GLU A 326 -11.94 7.98 30.68
N LEU A 327 -11.29 6.90 30.29
CA LEU A 327 -11.50 5.66 31.02
C LEU A 327 -10.64 5.65 32.28
N PRO A 328 -11.08 4.94 33.33
CA PRO A 328 -12.30 4.12 33.39
C PRO A 328 -13.58 4.93 33.51
N LEU A 329 -14.68 4.35 33.07
CA LEU A 329 -15.96 5.04 33.01
C LEU A 329 -16.68 4.92 34.35
N SER A 330 -17.04 6.05 34.94
CA SER A 330 -17.74 6.07 36.21
C SER A 330 -19.25 6.04 35.99
N LEU A 331 -19.96 5.62 37.03
CA LEU A 331 -21.42 5.69 37.00
C LEU A 331 -21.89 7.11 36.73
N GLN A 332 -21.25 8.10 37.36
CA GLN A 332 -21.62 9.49 37.14
C GLN A 332 -21.46 9.88 35.68
N ASP A 333 -20.41 9.38 35.01
CA ASP A 333 -20.25 9.67 33.58
C ASP A 333 -21.48 9.20 32.80
N LEU A 334 -21.97 8.01 33.10
CA LEU A 334 -23.09 7.45 32.35
C LEU A 334 -24.39 8.17 32.70
N THR A 335 -24.61 8.42 33.99
CA THR A 335 -25.85 9.10 34.40
C THR A 335 -25.89 10.53 33.86
N SER A 336 -24.76 11.25 33.92
CA SER A 336 -24.74 12.61 33.41
C SER A 336 -25.09 12.64 31.93
N LEU A 337 -24.57 11.70 31.15
CA LEU A 337 -24.95 11.60 29.75
C LEU A 337 -26.45 11.36 29.62
N GLU A 338 -26.98 10.44 30.42
CA GLU A 338 -28.42 10.19 30.41
C GLU A 338 -29.20 11.45 30.77
N GLN A 339 -28.76 12.17 31.79
CA GLN A 339 -29.47 13.38 32.19
C GLN A 339 -29.43 14.44 31.10
N MET A 340 -28.32 14.53 30.36
CA MET A 340 -28.26 15.46 29.25
C MET A 340 -29.32 15.12 28.21
N LEU A 341 -29.48 13.83 27.90
CA LEU A 341 -30.51 13.42 26.95
C LEU A 341 -31.91 13.71 27.51
N ILE A 342 -32.13 13.39 28.79
CA ILE A 342 -33.42 13.66 29.41
C ILE A 342 -33.67 15.17 29.45
N ASN A 343 -32.68 15.93 29.93
CA ASN A 343 -32.81 17.38 29.95
C ASN A 343 -33.05 17.93 28.54
N CYS A 344 -32.41 17.34 27.54
CA CYS A 344 -32.57 17.80 26.16
C CYS A 344 -33.93 17.43 25.60
N SER A 345 -34.49 16.29 26.01
CA SER A 345 -35.77 15.85 25.45
C SER A 345 -36.89 16.79 25.87
N LYS A 346 -36.98 17.10 27.16
CA LYS A 346 -38.02 18.01 27.63
C LYS A 346 -37.91 19.38 26.96
N SER A 347 -36.69 19.79 26.61
CA SER A 347 -36.45 21.14 26.11
C SER A 347 -36.61 21.25 24.60
N LEU A 348 -36.28 20.21 23.85
CA LEU A 348 -36.28 20.33 22.41
C LEU A 348 -37.70 20.24 21.85
N PRO A 349 -37.94 20.84 20.68
CA PRO A 349 -39.24 20.68 20.03
C PRO A 349 -39.53 19.21 19.74
N SER A 350 -40.78 18.81 19.98
CA SER A 350 -41.17 17.43 19.71
C SER A 350 -40.92 17.06 18.25
N ASN A 351 -40.99 18.04 17.35
CA ASN A 351 -40.75 17.76 15.94
C ASN A 351 -39.30 17.41 15.66
N LEU A 352 -38.38 17.89 16.49
CA LEU A 352 -36.96 17.57 16.33
C LEU A 352 -36.57 16.26 17.02
N THR A 353 -37.18 15.95 18.16
CA THR A 353 -36.84 14.72 18.88
C THR A 353 -37.38 13.48 18.17
N HIS A 354 -38.53 13.60 17.51
CA HIS A 354 -39.16 12.45 16.86
C HIS A 354 -39.43 11.34 17.86
N THR A 361 -39.35 -2.20 17.24
CA THR A 361 -39.37 -2.64 18.63
C THR A 361 -38.93 -1.50 19.55
N GLN A 362 -39.79 -1.15 20.49
CA GLN A 362 -39.50 -0.05 21.40
C GLN A 362 -38.26 -0.35 22.24
N GLU A 363 -37.52 0.69 22.57
CA GLU A 363 -36.30 0.54 23.36
C GLU A 363 -36.66 0.50 24.85
N ALA A 364 -36.09 -0.49 25.55
CA ALA A 364 -36.30 -0.67 26.98
C ALA A 364 -35.05 -0.21 27.71
N TYR A 365 -35.14 0.92 28.40
CA TYR A 365 -34.00 1.54 29.06
C TYR A 365 -33.94 1.19 30.53
N TYR A 366 -32.73 1.20 31.08
CA TYR A 366 -32.56 0.99 32.52
C TYR A 366 -33.36 2.03 33.32
N ASP A 367 -33.14 3.30 33.04
CA ASP A 367 -33.85 4.39 33.70
C ASP A 367 -35.20 4.60 33.02
N PRO A 368 -36.31 4.32 33.68
CA PRO A 368 -37.63 4.48 33.03
C PRO A 368 -37.88 5.89 32.53
N SER A 369 -37.15 6.89 33.02
CA SER A 369 -37.33 8.26 32.57
C SER A 369 -36.78 8.50 31.17
N MET A 370 -35.99 7.56 30.63
CA MET A 370 -35.28 7.81 29.39
C MET A 370 -36.26 7.95 28.23
N PRO A 371 -36.05 8.91 27.34
CA PRO A 371 -36.80 8.96 26.10
C PRO A 371 -36.14 8.10 25.04
N PRO A 372 -36.86 7.73 23.98
CA PRO A 372 -36.19 7.08 22.85
C PRO A 372 -35.06 7.93 22.31
N VAL A 373 -33.82 7.49 22.49
CA VAL A 373 -32.66 8.28 22.07
C VAL A 373 -32.54 8.22 20.56
N THR A 374 -33.31 9.07 19.87
CA THR A 374 -33.28 9.11 18.42
C THR A 374 -32.09 9.94 17.93
N LYS A 375 -31.82 9.85 16.63
CA LYS A 375 -30.79 10.71 16.05
C LYS A 375 -31.13 12.18 16.24
N GLY A 376 -32.42 12.53 16.12
CA GLY A 376 -32.81 13.91 16.32
C GLY A 376 -32.49 14.40 17.72
N LEU A 377 -32.73 13.57 18.73
CA LEU A 377 -32.44 13.97 20.10
C LEU A 377 -30.95 14.22 20.29
N VAL A 378 -30.10 13.35 19.76
CA VAL A 378 -28.66 13.48 19.96
C VAL A 378 -28.13 14.68 19.20
N ILE A 379 -28.55 14.84 17.95
CA ILE A 379 -27.93 15.84 17.07
C ILE A 379 -28.19 17.25 17.59
N HIS A 380 -29.37 17.50 18.13
CA HIS A 380 -29.76 18.83 18.58
C HIS A 380 -29.53 19.05 20.07
N CYS A 381 -28.87 18.11 20.74
CA CYS A 381 -28.55 18.25 22.17
C CYS A 381 -27.18 18.91 22.25
N LYS A 382 -27.17 20.22 22.51
CA LYS A 382 -25.91 20.96 22.47
C LYS A 382 -24.89 20.43 23.47
N PRO A 383 -25.23 20.17 24.73
CA PRO A 383 -24.21 19.68 25.67
C PRO A 383 -23.54 18.40 25.20
N ILE A 384 -24.25 17.54 24.47
CA ILE A 384 -23.65 16.31 23.96
C ILE A 384 -22.79 16.61 22.74
N THR A 385 -23.35 17.32 21.75
CA THR A 385 -22.61 17.55 20.51
C THR A 385 -21.32 18.32 20.77
N GLU A 386 -21.36 19.28 21.70
CA GLU A 386 -20.15 20.03 22.01
C GLU A 386 -19.11 19.15 22.68
N ARG A 387 -19.54 18.24 23.55
CA ARG A 387 -18.60 17.33 24.19
C ARG A 387 -18.05 16.32 23.19
N ILE A 388 -18.83 15.95 22.18
CA ILE A 388 -18.30 15.10 21.12
C ILE A 388 -17.25 15.86 20.32
N HIS A 389 -17.54 17.12 19.98
CA HIS A 389 -16.58 17.90 19.21
C HIS A 389 -15.31 18.18 20.01
N LYS A 390 -15.44 18.42 21.32
CA LYS A 390 -14.25 18.59 22.15
C LYS A 390 -13.39 17.32 22.14
N ALA A 391 -14.01 16.14 22.02
CA ALA A 391 -13.27 14.89 22.11
C ALA A 391 -12.63 14.51 20.78
N PHE A 392 -13.20 14.95 19.65
CA PHE A 392 -12.60 14.77 18.32
C PHE A 392 -12.65 16.13 17.63
N LYS A 393 -11.54 16.86 17.63
CA LYS A 393 -11.51 18.22 17.12
C LYS A 393 -10.54 18.33 15.95
N ASP A 394 -10.88 19.22 15.01
CA ASP A 394 -10.06 19.46 13.83
C ASP A 394 -9.57 18.16 13.21
N GLN A 395 -10.50 17.37 12.68
CA GLN A 395 -10.11 16.20 11.90
C GLN A 395 -9.55 16.64 10.56
N ASN A 396 -8.50 15.95 10.10
CA ASN A 396 -8.00 16.17 8.75
C ASN A 396 -9.11 15.88 7.74
N LYS A 397 -9.29 16.79 6.79
CA LYS A 397 -10.29 16.58 5.76
C LYS A 397 -9.83 15.54 4.73
N TYR A 398 -8.53 15.39 4.54
CA TYR A 398 -8.00 14.50 3.51
C TYR A 398 -7.02 13.52 4.13
N LYS A 399 -6.97 12.32 3.54
CA LYS A 399 -5.96 11.34 3.92
C LYS A 399 -4.67 11.61 3.18
N PHE A 400 -3.55 11.34 3.85
CA PHE A 400 -2.25 11.47 3.20
C PHE A 400 -1.24 10.63 3.96
N GLU A 401 -0.15 10.31 3.27
CA GLU A 401 0.92 9.47 3.81
C GLU A 401 2.24 10.17 3.57
N ILE A 402 2.98 10.46 4.63
CA ILE A 402 4.27 11.11 4.52
C ILE A 402 5.30 10.09 4.07
N MET A 403 6.13 10.47 3.11
CA MET A 403 7.18 9.62 2.58
C MET A 403 8.53 10.29 2.75
N GLY A 404 9.59 9.49 2.76
CA GLY A 404 10.94 9.98 2.69
C GLY A 404 11.35 10.30 1.26
N GLU A 405 12.63 10.62 1.09
CA GLU A 405 13.18 10.98 -0.20
C GLU A 405 14.10 9.91 -0.77
N GLU A 406 13.98 8.67 -0.29
CA GLU A 406 14.85 7.60 -0.77
C GLU A 406 14.70 7.38 -2.28
N GLU A 407 13.50 7.57 -2.82
CA GLU A 407 13.24 7.27 -4.22
C GLU A 407 13.44 8.47 -5.14
N ILE A 408 13.89 9.60 -4.63
CA ILE A 408 14.08 10.81 -5.44
C ILE A 408 15.56 11.04 -5.64
N ALA A 409 15.96 11.20 -6.91
CA ALA A 409 17.32 11.59 -7.27
C ALA A 409 17.23 12.97 -7.91
N PHE A 410 17.58 14.00 -7.16
CA PHE A 410 17.55 15.38 -7.61
C PHE A 410 18.99 15.85 -7.75
N LYS A 411 19.38 16.21 -8.98
CA LYS A 411 20.72 16.69 -9.28
C LYS A 411 20.63 18.08 -9.89
N MET A 412 21.43 19.00 -9.37
CA MET A 412 21.59 20.32 -9.96
C MET A 412 22.78 20.26 -10.92
N ILE A 413 22.51 20.43 -12.21
CA ILE A 413 23.54 20.30 -13.24
C ILE A 413 24.15 21.67 -13.49
N ARG A 414 25.45 21.80 -13.22
CA ARG A 414 26.18 23.02 -13.48
C ARG A 414 27.10 22.80 -14.69
N THR A 415 28.27 23.44 -14.69
CA THR A 415 29.10 23.48 -15.89
C THR A 415 30.43 22.77 -15.73
N ASN A 416 30.73 22.20 -14.57
CA ASN A 416 31.96 21.44 -14.39
C ASN A 416 31.72 20.01 -14.88
N VAL A 417 32.35 19.66 -16.00
CA VAL A 417 32.05 18.40 -16.68
C VAL A 417 32.28 17.22 -15.74
N SER A 418 33.45 17.18 -15.08
CA SER A 418 33.78 16.03 -14.25
C SER A 418 32.77 15.86 -13.13
N HIS A 419 32.34 16.97 -12.53
CA HIS A 419 31.36 16.86 -11.44
C HIS A 419 30.01 16.36 -11.95
N VAL A 420 29.60 16.78 -13.15
CA VAL A 420 28.36 16.26 -13.72
C VAL A 420 28.47 14.76 -13.93
N VAL A 421 29.60 14.30 -14.47
CA VAL A 421 29.81 12.87 -14.64
C VAL A 421 29.64 12.15 -13.31
N GLY A 422 30.21 12.70 -12.24
CA GLY A 422 30.03 12.10 -10.93
C GLY A 422 28.58 12.02 -10.52
N GLN A 423 27.82 13.10 -10.73
CA GLN A 423 26.43 13.12 -10.32
C GLN A 423 25.62 12.05 -11.04
N LEU A 424 25.84 11.90 -12.35
CA LEU A 424 25.07 10.93 -13.12
C LEU A 424 25.53 9.50 -12.87
N ASP A 425 26.81 9.30 -12.52
CA ASP A 425 27.26 7.96 -12.13
C ASP A 425 26.49 7.47 -10.91
N ASP A 426 26.18 8.37 -9.97
CA ASP A 426 25.41 7.97 -8.79
C ASP A 426 24.03 7.43 -9.18
N ILE A 427 23.42 7.98 -10.22
CA ILE A 427 22.14 7.47 -10.67
C ILE A 427 22.32 6.15 -11.42
N ARG A 428 23.36 6.06 -12.26
CA ARG A 428 23.68 4.80 -12.91
C ARG A 428 23.77 3.67 -11.90
N LYS A 429 24.49 3.92 -10.81
CA LYS A 429 24.76 2.89 -9.81
C LYS A 429 23.56 2.65 -8.90
N ASN A 430 22.86 3.72 -8.53
CA ASN A 430 21.77 3.66 -7.56
C ASN A 430 20.47 4.10 -8.24
N PRO A 431 19.79 3.20 -8.94
CA PRO A 431 18.54 3.59 -9.63
C PRO A 431 17.51 4.17 -8.68
N ARG A 432 16.73 5.11 -9.20
CA ARG A 432 15.72 5.81 -8.42
C ARG A 432 14.44 5.89 -9.25
N LYS A 433 13.30 5.82 -8.57
CA LYS A 433 12.01 5.93 -9.27
C LYS A 433 11.84 7.31 -9.90
N PHE A 434 12.34 8.35 -9.24
CA PHE A 434 12.08 9.73 -9.64
C PHE A 434 13.39 10.47 -9.80
N ILE A 435 13.62 11.01 -11.00
CA ILE A 435 14.86 11.69 -11.36
C ILE A 435 14.53 13.09 -11.82
N CYS A 436 15.29 14.06 -11.31
CA CYS A 436 15.21 15.44 -11.78
C CYS A 436 16.62 15.95 -12.04
N LEU A 437 16.92 16.25 -13.30
CA LEU A 437 18.20 16.85 -13.69
C LEU A 437 17.91 18.32 -13.99
N ASN A 438 18.22 19.18 -13.03
CA ASN A 438 17.82 20.58 -13.09
C ASN A 438 18.91 21.43 -13.74
N ASP A 439 18.48 22.32 -14.62
CA ASP A 439 19.39 23.14 -15.41
C ASP A 439 19.93 24.27 -14.55
N ASN A 440 21.22 24.19 -14.21
CA ASN A 440 21.98 25.29 -13.65
C ASN A 440 23.24 25.51 -14.47
N ILE A 441 23.14 25.30 -15.78
CA ILE A 441 24.26 25.35 -16.69
C ILE A 441 24.47 26.79 -17.13
N ASP A 442 25.74 27.20 -17.23
CA ASP A 442 26.10 28.48 -17.85
C ASP A 442 26.20 28.22 -19.35
N HIS A 443 25.07 28.38 -20.04
CA HIS A 443 25.00 27.98 -21.44
C HIS A 443 25.88 28.83 -22.35
N ILE A 444 26.41 29.95 -21.87
CA ILE A 444 27.37 30.72 -22.64
C ILE A 444 28.77 30.11 -22.51
N HIS A 445 29.03 29.42 -21.41
CA HIS A 445 30.33 28.83 -21.17
C HIS A 445 30.71 27.87 -22.29
N LYS A 446 32.02 27.76 -22.55
CA LYS A 446 32.49 26.90 -23.63
C LYS A 446 32.17 25.44 -23.35
N ASP A 447 32.29 25.01 -22.08
CA ASP A 447 32.04 23.63 -21.70
C ASP A 447 30.57 23.27 -21.64
N ALA A 448 29.66 24.25 -21.81
CA ALA A 448 28.24 23.94 -21.74
C ALA A 448 27.84 22.91 -22.78
N GLY A 449 28.40 23.00 -23.99
CA GLY A 449 28.13 21.99 -24.99
C GLY A 449 28.59 20.62 -24.56
N THR A 450 29.73 20.55 -23.87
CA THR A 450 30.23 19.27 -23.38
C THR A 450 29.30 18.69 -22.31
N VAL A 451 28.81 19.53 -21.41
CA VAL A 451 27.89 19.06 -20.38
C VAL A 451 26.61 18.53 -21.01
N LYS A 452 26.11 19.23 -22.02
CA LYS A 452 24.93 18.75 -22.72
C LYS A 452 25.17 17.39 -23.36
N ALA A 453 26.40 17.16 -23.85
CA ALA A 453 26.72 15.86 -24.44
C ALA A 453 26.81 14.78 -23.37
N VAL A 454 27.32 15.12 -22.18
CA VAL A 454 27.34 14.17 -21.08
C VAL A 454 25.92 13.77 -20.69
N LEU A 455 25.00 14.75 -20.62
CA LEU A 455 23.62 14.44 -20.29
C LEU A 455 23.00 13.51 -21.33
N ARG A 456 23.16 13.86 -22.61
CA ARG A 456 22.64 13.00 -23.67
C ARG A 456 23.16 11.58 -23.57
N ASP A 457 24.47 11.44 -23.35
CA ASP A 457 25.05 10.11 -23.21
C ASP A 457 24.40 9.35 -22.06
N PHE A 458 24.18 10.04 -20.93
CA PHE A 458 23.50 9.40 -19.80
C PHE A 458 22.06 9.05 -20.15
N TYR A 459 21.33 10.00 -20.75
CA TYR A 459 19.96 9.74 -21.18
C TYR A 459 19.89 8.53 -22.11
N GLU A 460 20.82 8.42 -23.06
CA GLU A 460 20.78 7.31 -23.99
C GLU A 460 21.10 5.98 -23.30
N SER A 461 21.92 6.00 -22.26
CA SER A 461 22.22 4.75 -21.55
C SER A 461 21.00 4.20 -20.83
N MET A 462 20.03 5.05 -20.49
CA MET A 462 18.82 4.61 -19.82
C MET A 462 17.68 4.32 -20.80
N PHE A 463 17.47 5.22 -21.77
CA PHE A 463 16.33 5.14 -22.69
C PHE A 463 16.80 5.36 -24.12
N PRO A 464 17.40 4.33 -24.73
CA PRO A 464 17.87 4.46 -26.12
C PRO A 464 16.80 4.23 -27.18
N LEU A 465 15.62 3.76 -26.80
CA LEU A 465 14.59 3.40 -27.76
C LEU A 465 13.67 4.59 -28.02
N PRO A 466 13.54 5.05 -29.26
CA PRO A 466 12.54 6.10 -29.56
C PRO A 466 11.15 5.66 -29.15
N SER A 467 10.37 6.60 -28.62
CA SER A 467 9.04 6.29 -28.14
C SER A 467 8.01 6.48 -29.24
N GLN A 468 6.79 6.00 -28.98
CA GLN A 468 5.66 6.22 -29.87
C GLN A 468 5.31 7.69 -30.05
N PHE A 469 5.91 8.59 -29.27
CA PHE A 469 5.63 10.01 -29.36
C PHE A 469 6.66 10.77 -30.19
N GLU A 470 7.67 10.07 -30.73
CA GLU A 470 8.69 10.67 -31.59
C GLU A 470 8.42 10.29 -33.03
N LEU A 471 8.67 11.23 -33.93
CA LEU A 471 8.41 10.99 -35.34
C LEU A 471 9.49 10.05 -35.92
N PRO A 472 9.11 9.17 -36.84
CA PRO A 472 10.12 8.31 -37.50
C PRO A 472 11.35 9.08 -37.94
N ARG A 473 12.52 8.53 -37.61
CA ARG A 473 13.79 9.18 -37.89
C ARG A 473 13.76 10.66 -37.54
N THR A 483 33.41 12.64 -31.89
CA THR A 483 33.01 12.61 -30.48
C THR A 483 34.07 11.92 -29.63
N GLU A 484 34.98 11.17 -30.28
CA GLU A 484 35.97 10.41 -29.54
C GLU A 484 36.89 11.32 -28.74
N LEU A 485 37.25 12.47 -29.31
CA LEU A 485 38.07 13.42 -28.55
C LEU A 485 37.28 14.05 -27.41
N GLN A 486 35.97 14.22 -27.59
CA GLN A 486 35.13 14.65 -26.47
C GLN A 486 34.95 13.50 -25.48
N GLU A 487 34.84 12.27 -25.98
CA GLU A 487 34.78 11.12 -25.09
C GLU A 487 36.06 11.00 -24.26
N TRP A 488 37.22 11.18 -24.90
CA TRP A 488 38.48 11.05 -24.18
C TRP A 488 38.55 12.03 -23.02
N ARG A 489 38.17 13.29 -23.25
CA ARG A 489 38.33 14.31 -22.21
C ARG A 489 37.29 14.13 -21.11
N ILE A 490 36.06 13.77 -21.47
CA ILE A 490 35.03 13.55 -20.47
C ILE A 490 35.37 12.33 -19.62
N TYR A 491 35.89 11.27 -20.24
CA TYR A 491 36.01 9.97 -19.60
C TYR A 491 37.41 9.38 -19.56
N ARG A 492 38.34 9.87 -20.38
CA ARG A 492 39.65 9.24 -20.50
C ARG A 492 40.78 10.24 -20.32
N VAL B 23 -16.82 -2.29 -21.22
CA VAL B 23 -16.55 -1.11 -20.41
C VAL B 23 -15.21 -1.23 -19.70
N LEU B 24 -15.12 -2.18 -18.77
CA LEU B 24 -13.90 -2.33 -17.98
C LEU B 24 -12.80 -3.02 -18.77
N PHE B 25 -13.15 -3.96 -19.65
CA PHE B 25 -12.14 -4.56 -20.52
C PHE B 25 -11.46 -3.49 -21.36
N ASP B 26 -12.24 -2.65 -22.03
CA ASP B 26 -11.65 -1.56 -22.81
C ASP B 26 -10.90 -0.59 -21.92
N SER B 27 -11.47 -0.25 -20.77
CA SER B 27 -10.90 0.81 -19.93
C SER B 27 -9.50 0.44 -19.46
N TYR B 28 -9.25 -0.84 -19.18
CA TYR B 28 -7.94 -1.24 -18.67
C TYR B 28 -6.89 -1.31 -19.77
N ARG B 29 -7.29 -1.37 -21.03
CA ARG B 29 -6.36 -1.25 -22.15
C ARG B 29 -6.21 0.19 -22.62
N ASP B 30 -6.85 1.15 -21.96
CA ASP B 30 -6.88 2.54 -22.42
C ASP B 30 -5.68 3.29 -21.86
N ASN B 31 -4.52 2.95 -22.40
CA ASN B 31 -3.26 3.53 -21.95
C ASN B 31 -2.26 3.50 -23.09
N VAL B 32 -1.11 4.14 -22.86
CA VAL B 32 -0.13 4.31 -23.93
C VAL B 32 0.43 2.98 -24.40
N ALA B 33 0.37 1.94 -23.56
CA ALA B 33 0.84 0.62 -23.97
C ALA B 33 -0.23 -0.18 -24.70
N GLY B 34 -1.50 0.23 -24.63
CA GLY B 34 -2.56 -0.56 -25.24
C GLY B 34 -2.66 -1.95 -24.65
N LYS B 35 -2.40 -2.08 -23.35
CA LYS B 35 -2.29 -3.37 -22.69
C LYS B 35 -2.87 -3.26 -21.30
N SER B 36 -3.53 -4.34 -20.86
CA SER B 36 -4.18 -4.36 -19.55
C SER B 36 -3.16 -4.61 -18.45
N PHE B 37 -3.26 -3.82 -17.38
CA PHE B 37 -2.45 -3.99 -16.19
C PHE B 37 -3.34 -4.24 -14.97
N GLN B 38 -4.51 -4.81 -15.21
CA GLN B 38 -5.48 -5.00 -14.12
C GLN B 38 -4.91 -5.85 -13.00
N THR B 39 -4.15 -6.90 -13.33
CA THR B 39 -3.63 -7.78 -12.28
C THR B 39 -2.67 -7.03 -11.34
N ARG B 40 -2.03 -5.96 -11.83
CA ARG B 40 -1.16 -5.16 -10.98
C ARG B 40 -1.89 -3.96 -10.38
N LEU B 41 -2.92 -3.47 -11.05
CA LEU B 41 -3.64 -2.30 -10.57
C LEU B 41 -4.72 -2.65 -9.56
N CYS B 42 -5.13 -3.92 -9.51
CA CYS B 42 -6.15 -4.39 -8.59
C CYS B 42 -5.55 -5.41 -7.62
N LEU B 43 -6.12 -5.46 -6.43
CA LEU B 43 -5.65 -6.40 -5.42
C LEU B 43 -5.96 -7.83 -5.83
N PRO B 44 -5.17 -8.80 -5.36
CA PRO B 44 -5.37 -10.19 -5.79
C PRO B 44 -6.65 -10.77 -5.20
N MET B 45 -7.43 -11.43 -6.04
CA MET B 45 -8.71 -12.01 -5.66
C MET B 45 -8.88 -13.34 -6.39
N PRO B 46 -9.67 -14.26 -5.83
CA PRO B 46 -10.45 -14.15 -4.59
C PRO B 46 -9.62 -14.41 -3.35
N ILE B 47 -10.20 -14.11 -2.19
CA ILE B 47 -9.56 -14.36 -0.90
C ILE B 47 -10.59 -15.05 -0.01
N ASP B 48 -10.27 -16.26 0.40
CA ASP B 48 -11.11 -17.02 1.33
C ASP B 48 -10.66 -16.80 2.76
N VAL B 49 -11.53 -17.18 3.69
CA VAL B 49 -11.23 -17.17 5.11
C VAL B 49 -11.25 -18.61 5.60
N VAL B 50 -10.34 -18.94 6.51
CA VAL B 50 -10.28 -20.25 7.17
C VAL B 50 -10.35 -20.03 8.67
N TYR B 51 -11.22 -20.77 9.33
CA TYR B 51 -11.32 -20.83 10.78
C TYR B 51 -10.93 -22.20 11.29
N THR B 52 -10.53 -22.25 12.57
CA THR B 52 -10.53 -23.47 13.35
C THR B 52 -11.48 -23.27 14.52
N TRP B 53 -12.30 -24.28 14.79
CA TRP B 53 -13.29 -24.20 15.85
C TRP B 53 -13.41 -25.55 16.54
N VAL B 54 -13.64 -25.51 17.85
CA VAL B 54 -13.80 -26.72 18.65
C VAL B 54 -14.85 -26.46 19.72
N ASN B 55 -15.66 -27.48 19.99
CA ASN B 55 -16.65 -27.46 21.06
C ASN B 55 -16.12 -28.33 22.19
N GLY B 56 -15.52 -27.71 23.19
CA GLY B 56 -14.97 -28.45 24.32
C GLY B 56 -16.02 -29.23 25.10
N THR B 57 -17.29 -28.83 25.02
CA THR B 57 -18.36 -29.52 25.70
C THR B 57 -18.75 -30.83 25.03
N ASP B 58 -18.28 -31.09 23.82
CA ASP B 58 -18.62 -32.32 23.10
C ASP B 58 -18.20 -33.54 23.92
N PRO B 59 -19.11 -34.46 24.24
CA PRO B 59 -18.70 -35.64 25.03
C PRO B 59 -17.69 -36.52 24.30
N LYS B 60 -17.86 -36.73 22.99
CA LYS B 60 -16.91 -37.54 22.24
C LYS B 60 -15.51 -36.98 22.36
N LEU B 61 -15.37 -35.66 22.35
CA LEU B 61 -14.06 -35.04 22.52
C LEU B 61 -13.52 -35.29 23.93
N ILE B 62 -14.37 -35.08 24.94
CA ILE B 62 -13.90 -35.16 26.33
C ILE B 62 -13.40 -36.57 26.64
N LYS B 63 -14.14 -37.59 26.20
CA LYS B 63 -13.68 -38.96 26.44
C LYS B 63 -12.39 -39.25 25.69
N GLU B 64 -12.32 -38.83 24.42
CA GLU B 64 -11.11 -39.10 23.65
C GLU B 64 -9.91 -38.34 24.21
N VAL B 65 -10.13 -37.12 24.71
CA VAL B 65 -9.06 -36.40 25.38
C VAL B 65 -8.67 -37.12 26.67
N THR B 66 -9.66 -37.65 27.39
CA THR B 66 -9.38 -38.35 28.64
C THR B 66 -8.45 -39.54 28.41
N GLU B 67 -8.80 -40.40 27.46
CA GLU B 67 -7.96 -41.57 27.18
C GLU B 67 -6.55 -41.16 26.80
N LEU B 68 -6.41 -40.13 25.96
CA LEU B 68 -5.09 -39.69 25.54
C LEU B 68 -4.24 -39.31 26.75
N LYS B 69 -4.77 -38.45 27.62
CA LYS B 69 -4.02 -38.05 28.81
C LYS B 69 -3.69 -39.26 29.69
N ARG B 70 -4.60 -40.23 29.75
CA ARG B 70 -4.36 -41.42 30.57
C ARG B 70 -3.07 -42.11 30.16
N SER B 71 -2.76 -42.12 28.87
CA SER B 71 -1.56 -42.78 28.37
C SER B 71 -0.31 -42.24 29.04
N ASN B 96 -3.57 -28.15 28.80
CA ASN B 96 -4.77 -28.59 28.12
C ASN B 96 -6.01 -28.42 28.99
N THR B 97 -6.15 -27.23 29.57
CA THR B 97 -7.31 -26.92 30.40
C THR B 97 -8.53 -26.68 29.52
N ALA B 98 -9.67 -26.39 30.16
CA ALA B 98 -10.89 -26.12 29.40
C ALA B 98 -10.81 -24.82 28.61
N SER B 99 -9.84 -23.96 28.92
CA SER B 99 -9.72 -22.68 28.21
C SER B 99 -9.30 -22.87 26.76
N ARG B 100 -8.66 -23.98 26.42
CA ARG B 100 -8.23 -24.20 25.04
C ARG B 100 -9.39 -24.57 24.13
N PHE B 101 -10.40 -25.25 24.67
CA PHE B 101 -11.51 -25.78 23.88
C PHE B 101 -12.84 -25.09 24.18
N GLU B 102 -12.87 -24.16 25.13
CA GLU B 102 -14.13 -23.51 25.52
C GLU B 102 -14.57 -22.52 24.45
N ASP B 103 -15.89 -22.40 24.28
CA ASP B 103 -16.51 -21.54 23.28
C ASP B 103 -17.40 -20.52 23.98
N ASN B 104 -17.02 -19.24 23.89
CA ASN B 104 -17.85 -18.13 24.37
C ASN B 104 -18.64 -17.50 23.23
N GLU B 105 -19.03 -18.30 22.23
CA GLU B 105 -19.71 -17.83 21.04
C GLU B 105 -18.81 -16.97 20.17
N GLU B 106 -17.49 -17.06 20.36
CA GLU B 106 -16.57 -16.19 19.63
C GLU B 106 -16.73 -16.34 18.12
N LEU B 107 -16.85 -17.59 17.64
CA LEU B 107 -16.96 -17.81 16.20
C LEU B 107 -18.21 -17.14 15.65
N ARG B 108 -19.33 -17.24 16.36
CA ARG B 108 -20.56 -16.63 15.88
C ARG B 108 -20.37 -15.14 15.62
N TYR B 109 -19.79 -14.42 16.59
CA TYR B 109 -19.64 -12.98 16.43
C TYR B 109 -18.52 -12.61 15.47
N SER B 110 -17.49 -13.45 15.34
CA SER B 110 -16.46 -13.19 14.35
C SER B 110 -17.04 -13.27 12.94
N LEU B 111 -17.97 -14.20 12.71
CA LEU B 111 -18.62 -14.26 11.41
C LEU B 111 -19.45 -13.02 11.16
N ARG B 112 -20.09 -12.48 12.20
CA ARG B 112 -20.79 -11.22 12.05
C ARG B 112 -19.84 -10.09 11.67
N SER B 113 -18.61 -10.13 12.21
CA SER B 113 -17.63 -9.09 11.92
C SER B 113 -17.14 -9.18 10.48
N ILE B 114 -17.08 -10.38 9.91
CA ILE B 114 -16.74 -10.51 8.50
C ILE B 114 -17.83 -9.90 7.63
N GLU B 115 -19.08 -10.23 7.93
CA GLU B 115 -20.20 -9.68 7.17
C GLU B 115 -20.18 -8.16 7.19
N LYS B 116 -19.78 -7.57 8.31
CA LYS B 116 -19.79 -6.12 8.45
C LYS B 116 -18.51 -5.47 7.95
N HIS B 117 -17.35 -6.10 8.18
CA HIS B 117 -16.07 -5.44 7.96
C HIS B 117 -15.22 -6.04 6.84
N ALA B 118 -15.54 -7.24 6.34
CA ALA B 118 -14.78 -7.86 5.26
C ALA B 118 -15.75 -8.49 4.27
N PRO B 119 -16.65 -7.70 3.70
CA PRO B 119 -17.67 -8.27 2.81
C PRO B 119 -17.12 -8.81 1.50
N TRP B 120 -15.85 -8.55 1.19
CA TRP B 120 -15.21 -8.98 -0.05
C TRP B 120 -14.72 -10.42 0.00
N VAL B 121 -14.84 -11.10 1.15
CA VAL B 121 -14.39 -12.48 1.26
C VAL B 121 -15.27 -13.37 0.38
N ARG B 122 -14.63 -14.33 -0.28
CA ARG B 122 -15.37 -15.22 -1.16
C ARG B 122 -16.07 -16.34 -0.39
N HIS B 123 -15.29 -17.15 0.33
CA HIS B 123 -15.82 -18.34 0.98
C HIS B 123 -15.19 -18.48 2.36
N ILE B 124 -15.93 -19.09 3.27
CA ILE B 124 -15.49 -19.29 4.64
C ILE B 124 -15.42 -20.79 4.90
N PHE B 125 -14.22 -21.26 5.23
CA PHE B 125 -14.00 -22.65 5.62
C PHE B 125 -13.87 -22.72 7.13
N ILE B 126 -14.62 -23.62 7.76
CA ILE B 126 -14.56 -23.83 9.20
C ILE B 126 -13.99 -25.22 9.44
N VAL B 127 -12.73 -25.27 9.88
CA VAL B 127 -12.03 -26.52 10.11
C VAL B 127 -12.36 -27.03 11.50
N THR B 128 -12.85 -28.27 11.59
CA THR B 128 -13.22 -28.89 12.84
C THR B 128 -12.77 -30.35 12.83
N ASN B 129 -12.94 -31.01 13.97
CA ASN B 129 -12.67 -32.44 14.09
C ASN B 129 -13.86 -33.29 13.66
N GLY B 130 -14.86 -32.67 13.04
CA GLY B 130 -16.13 -33.32 12.76
C GLY B 130 -17.31 -32.65 13.42
N GLN B 131 -17.07 -31.79 14.41
CA GLN B 131 -18.14 -31.09 15.09
C GLN B 131 -18.78 -30.04 14.19
N ILE B 132 -20.06 -29.79 14.42
CA ILE B 132 -20.83 -28.80 13.68
C ILE B 132 -21.42 -27.83 14.69
N PRO B 133 -21.26 -26.52 14.51
CA PRO B 133 -21.95 -25.57 15.40
C PRO B 133 -23.46 -25.66 15.23
N SER B 134 -24.17 -25.72 16.35
CA SER B 134 -25.62 -25.90 16.31
C SER B 134 -26.32 -24.84 15.47
N TRP B 135 -25.75 -23.64 15.41
CA TRP B 135 -26.38 -22.50 14.73
C TRP B 135 -25.90 -22.31 13.31
N LEU B 136 -24.93 -23.11 12.84
CA LEU B 136 -24.33 -22.87 11.54
C LEU B 136 -25.28 -23.26 10.42
N ASN B 137 -25.54 -22.33 9.51
CA ASN B 137 -26.45 -22.54 8.38
C ASN B 137 -25.68 -23.18 7.24
N LEU B 138 -25.72 -24.51 7.17
CA LEU B 138 -25.01 -25.24 6.13
C LEU B 138 -25.70 -25.18 4.78
N ASP B 139 -26.91 -24.61 4.70
CA ASP B 139 -27.55 -24.38 3.41
C ASP B 139 -26.98 -23.17 2.69
N ASN B 140 -26.11 -22.40 3.34
CA ASN B 140 -25.48 -21.23 2.72
C ASN B 140 -24.21 -21.69 1.99
N PRO B 141 -24.16 -21.62 0.66
CA PRO B 141 -22.96 -22.09 -0.06
C PRO B 141 -21.71 -21.27 0.23
N ARG B 142 -21.83 -20.15 0.95
CA ARG B 142 -20.66 -19.34 1.27
C ARG B 142 -19.85 -19.90 2.43
N VAL B 143 -20.35 -20.89 3.15
CA VAL B 143 -19.64 -21.50 4.27
C VAL B 143 -19.67 -23.01 4.10
N SER B 144 -18.62 -23.66 4.58
CA SER B 144 -18.57 -25.12 4.59
C SER B 144 -17.74 -25.56 5.77
N VAL B 145 -17.94 -26.82 6.17
CA VAL B 145 -17.17 -27.45 7.25
C VAL B 145 -16.14 -28.36 6.62
N VAL B 146 -14.90 -28.26 7.08
CA VAL B 146 -13.81 -29.13 6.64
C VAL B 146 -13.31 -29.89 7.87
N THR B 147 -13.19 -31.20 7.74
CA THR B 147 -12.78 -32.04 8.86
C THR B 147 -11.28 -32.31 8.81
N HIS B 148 -10.73 -32.65 9.97
CA HIS B 148 -9.32 -33.01 10.04
C HIS B 148 -9.01 -34.18 9.12
N GLN B 149 -9.92 -35.16 9.04
CA GLN B 149 -9.68 -36.28 8.14
C GLN B 149 -9.49 -35.82 6.70
N ASP B 150 -10.11 -34.70 6.32
CA ASP B 150 -10.02 -34.23 4.94
C ASP B 150 -8.66 -33.61 4.61
N ILE B 151 -7.91 -33.14 5.59
CA ILE B 151 -6.71 -32.36 5.32
C ILE B 151 -5.45 -33.02 5.90
N PHE B 152 -5.60 -33.75 7.01
CA PHE B 152 -4.45 -34.45 7.57
C PHE B 152 -3.94 -35.51 6.61
N GLN B 153 -2.62 -35.65 6.57
CA GLN B 153 -1.97 -36.61 5.66
C GLN B 153 -1.85 -37.99 6.28
N ASN B 154 -1.49 -38.07 7.56
CA ASN B 154 -1.37 -39.33 8.28
C ASN B 154 -2.56 -39.43 9.24
N GLN B 155 -3.51 -40.30 8.91
CA GLN B 155 -4.71 -40.45 9.74
C GLN B 155 -4.37 -40.93 11.15
N THR B 156 -3.19 -41.51 11.34
CA THR B 156 -2.80 -41.94 12.68
C THR B 156 -2.63 -40.77 13.63
N HIS B 157 -2.49 -39.54 13.10
CA HIS B 157 -2.41 -38.36 13.93
C HIS B 157 -3.76 -37.92 14.47
N LEU B 158 -4.84 -38.60 14.09
CA LEU B 158 -6.19 -38.24 14.53
C LEU B 158 -6.78 -39.34 15.40
N PRO B 159 -7.70 -39.01 16.31
CA PRO B 159 -8.17 -37.64 16.60
C PRO B 159 -7.10 -36.79 17.28
N THR B 160 -7.02 -35.51 16.93
CA THR B 160 -6.03 -34.61 17.49
C THR B 160 -6.70 -33.55 18.36
N PHE B 161 -5.89 -32.93 19.21
CA PHE B 161 -6.34 -31.86 20.08
C PHE B 161 -5.27 -30.77 20.18
N SER B 162 -4.46 -30.62 19.13
CA SER B 162 -3.34 -29.68 19.09
C SER B 162 -3.59 -28.70 17.95
N SER B 163 -3.79 -27.43 18.29
CA SER B 163 -3.99 -26.44 17.24
C SER B 163 -2.77 -26.30 16.34
N PRO B 164 -1.53 -26.38 16.84
CA PRO B 164 -0.40 -26.37 15.90
C PRO B 164 -0.45 -27.50 14.90
N ALA B 165 -0.85 -28.70 15.32
CA ALA B 165 -0.94 -29.83 14.40
C ALA B 165 -1.98 -29.57 13.32
N ILE B 166 -3.16 -29.10 13.71
CA ILE B 166 -4.20 -28.80 12.73
C ILE B 166 -3.72 -27.74 11.75
N GLU B 167 -3.07 -26.70 12.27
CA GLU B 167 -2.68 -25.57 11.44
C GLU B 167 -1.64 -25.93 10.39
N THR B 168 -0.90 -27.03 10.55
CA THR B 168 0.03 -27.45 9.51
C THR B 168 -0.67 -27.92 8.25
N HIS B 169 -2.00 -28.12 8.28
CA HIS B 169 -2.72 -28.73 7.18
C HIS B 169 -3.80 -27.84 6.56
N ILE B 170 -4.07 -26.66 7.12
CA ILE B 170 -5.20 -25.88 6.63
C ILE B 170 -4.94 -25.28 5.25
N HIS B 171 -3.68 -25.21 4.82
CA HIS B 171 -3.39 -24.78 3.44
C HIS B 171 -3.70 -25.87 2.41
N ARG B 172 -4.10 -27.05 2.85
CA ARG B 172 -4.42 -28.16 1.96
C ARG B 172 -5.89 -28.23 1.57
N ILE B 173 -6.72 -27.34 2.12
CA ILE B 173 -8.15 -27.36 1.89
C ILE B 173 -8.43 -27.33 0.39
N PRO B 174 -9.13 -28.33 -0.17
CA PRO B 174 -9.41 -28.30 -1.61
C PRO B 174 -10.27 -27.09 -1.98
N GLY B 175 -9.87 -26.42 -3.06
CA GLY B 175 -10.56 -25.24 -3.53
C GLY B 175 -10.17 -23.95 -2.84
N LEU B 176 -9.24 -24.01 -1.88
CA LEU B 176 -8.85 -22.83 -1.15
C LEU B 176 -8.13 -21.85 -2.07
N SER B 177 -8.43 -20.56 -1.90
CA SER B 177 -7.75 -19.54 -2.67
C SER B 177 -6.27 -19.52 -2.32
N GLN B 178 -5.44 -19.17 -3.32
CA GLN B 178 -3.99 -19.19 -3.10
C GLN B 178 -3.59 -18.30 -1.93
N LYS B 179 -4.17 -17.11 -1.85
CA LYS B 179 -4.02 -16.27 -0.67
C LYS B 179 -5.32 -16.33 0.12
N PHE B 180 -5.22 -16.77 1.37
CA PHE B 180 -6.36 -16.85 2.27
C PHE B 180 -5.97 -16.27 3.61
N ILE B 181 -6.98 -15.99 4.42
CA ILE B 181 -6.78 -15.38 5.73
C ILE B 181 -7.26 -16.36 6.80
N TYR B 182 -6.38 -16.66 7.75
CA TYR B 182 -6.66 -17.60 8.82
C TYR B 182 -7.04 -16.82 10.07
N LEU B 183 -8.23 -17.10 10.60
CA LEU B 183 -8.69 -16.53 11.85
C LEU B 183 -8.89 -17.64 12.86
N ASN B 184 -8.22 -17.52 14.01
CA ASN B 184 -8.68 -18.22 15.20
C ASN B 184 -10.12 -17.81 15.47
N ASP B 185 -10.88 -18.68 16.13
CA ASP B 185 -12.28 -18.38 16.36
C ASP B 185 -12.44 -17.15 17.26
N ASP B 186 -11.46 -16.87 18.11
CA ASP B 186 -11.53 -15.74 19.04
C ASP B 186 -10.89 -14.48 18.49
N VAL B 187 -10.53 -14.48 17.21
CA VAL B 187 -10.07 -13.28 16.52
C VAL B 187 -11.20 -12.77 15.64
N MET B 188 -11.33 -11.46 15.55
CA MET B 188 -12.37 -10.86 14.72
C MET B 188 -11.93 -9.47 14.29
N PHE B 189 -12.72 -8.87 13.40
CA PHE B 189 -12.45 -7.54 12.87
C PHE B 189 -13.24 -6.50 13.64
N GLY B 190 -12.60 -5.37 13.94
CA GLY B 190 -13.23 -4.31 14.70
C GLY B 190 -13.46 -3.04 13.90
N LYS B 191 -12.92 -2.99 12.69
CA LYS B 191 -13.17 -1.90 11.75
C LYS B 191 -13.13 -2.51 10.35
N ASP B 192 -13.66 -1.75 9.38
CA ASP B 192 -13.56 -2.17 7.99
C ASP B 192 -12.11 -2.51 7.65
N VAL B 193 -11.91 -3.67 7.04
CA VAL B 193 -10.59 -4.09 6.57
C VAL B 193 -10.68 -4.41 5.09
N TRP B 194 -9.53 -4.35 4.43
CA TRP B 194 -9.45 -4.62 3.00
C TRP B 194 -8.24 -5.49 2.73
N PRO B 195 -8.13 -6.06 1.52
CA PRO B 195 -6.97 -6.92 1.25
C PRO B 195 -5.64 -6.23 1.44
N ASP B 196 -5.57 -4.91 1.22
CA ASP B 196 -4.32 -4.19 1.41
C ASP B 196 -3.94 -4.04 2.88
N ASP B 197 -4.81 -4.41 3.81
CA ASP B 197 -4.36 -4.56 5.19
C ASP B 197 -3.46 -5.78 5.37
N PHE B 198 -3.37 -6.64 4.35
CA PHE B 198 -2.56 -7.84 4.40
C PHE B 198 -1.51 -7.92 3.31
N TYR B 199 -1.70 -7.25 2.18
CA TYR B 199 -0.87 -7.46 1.01
C TYR B 199 -0.98 -6.29 0.05
N SER B 200 0.14 -5.94 -0.57
CA SER B 200 0.16 -5.03 -1.72
C SER B 200 1.14 -5.58 -2.76
N HIS B 201 0.82 -5.34 -4.03
CA HIS B 201 1.72 -5.77 -5.09
C HIS B 201 3.09 -5.11 -4.96
N SER B 202 3.13 -3.85 -4.52
CA SER B 202 4.39 -3.10 -4.51
C SER B 202 5.30 -3.53 -3.36
N LYS B 203 4.72 -3.87 -2.21
CA LYS B 203 5.50 -4.17 -1.02
C LYS B 203 5.27 -5.56 -0.46
N GLY B 204 4.38 -6.36 -1.05
CA GLY B 204 4.18 -7.73 -0.61
C GLY B 204 3.29 -7.81 0.63
N GLN B 205 3.41 -8.96 1.31
CA GLN B 205 2.62 -9.20 2.51
C GLN B 205 3.08 -8.31 3.66
N LYS B 206 2.12 -7.79 4.41
CA LYS B 206 2.41 -7.07 5.63
C LYS B 206 2.69 -8.05 6.76
N VAL B 207 3.67 -7.71 7.59
CA VAL B 207 4.09 -8.55 8.71
C VAL B 207 3.96 -7.70 9.96
N TYR B 208 3.06 -8.10 10.86
CA TYR B 208 2.79 -7.35 12.08
C TYR B 208 3.58 -7.98 13.23
N LEU B 209 4.70 -7.37 13.57
CA LEU B 209 5.62 -7.93 14.55
C LEU B 209 5.45 -7.27 15.92
N THR B 210 5.70 -8.06 16.96
CA THR B 210 5.57 -7.62 18.33
C THR B 210 6.67 -8.25 19.17
N TRP B 211 6.96 -7.64 20.30
CA TRP B 211 8.01 -8.17 21.16
C TRP B 211 7.49 -9.38 21.94
N PRO B 212 8.31 -10.44 22.11
CA PRO B 212 7.83 -11.61 22.84
C PRO B 212 7.43 -11.29 24.28
N ALA B 219 9.32 -18.35 24.53
CA ALA B 219 8.59 -19.61 24.49
C ALA B 219 9.48 -20.74 23.99
N ASP B 220 9.39 -21.89 24.66
CA ASP B 220 10.18 -23.04 24.24
C ASP B 220 9.95 -23.39 22.78
N SER B 221 8.75 -23.12 22.27
CA SER B 221 8.49 -23.37 20.85
C SER B 221 9.30 -22.43 19.96
N LEU B 222 9.57 -21.22 20.44
CA LEU B 222 10.36 -20.29 19.64
C LEU B 222 11.83 -20.67 19.64
N ARG B 223 12.36 -21.11 20.78
CA ARG B 223 13.74 -21.60 20.82
C ARG B 223 13.94 -22.66 19.75
N TYR B 224 13.04 -23.64 19.70
CA TYR B 224 13.18 -24.75 18.77
C TYR B 224 13.11 -24.27 17.32
N VAL B 225 12.18 -23.37 17.02
CA VAL B 225 12.05 -22.86 15.65
C VAL B 225 13.19 -21.91 15.34
N ASN B 226 13.58 -21.07 16.31
CA ASN B 226 14.72 -20.19 16.09
C ASN B 226 15.97 -20.99 15.76
N ARG B 227 16.19 -22.10 16.45
CA ARG B 227 17.34 -22.94 16.16
C ARG B 227 17.27 -23.45 14.72
N LEU B 228 16.09 -23.89 14.28
CA LEU B 228 15.94 -24.34 12.90
C LEU B 228 16.23 -23.21 11.93
N LEU B 229 15.68 -22.03 12.19
CA LEU B 229 15.85 -20.91 11.26
C LEU B 229 17.28 -20.41 11.24
N ASN B 230 17.94 -20.35 12.40
CA ASN B 230 19.35 -19.99 12.42
C ASN B 230 20.16 -20.91 11.52
N ALA B 231 19.90 -22.22 11.57
CA ALA B 231 20.69 -23.16 10.79
C ALA B 231 20.37 -23.08 9.31
N GLN B 232 19.15 -22.71 8.96
CA GLN B 232 18.73 -22.66 7.56
C GLN B 232 19.12 -21.33 6.90
N PHE B 233 18.97 -20.22 7.62
CA PHE B 233 19.13 -18.89 7.04
C PHE B 233 20.21 -18.06 7.72
N GLY B 234 20.95 -18.62 8.66
CA GLY B 234 21.81 -17.82 9.50
C GLY B 234 21.01 -17.13 10.59
N PHE B 235 21.73 -16.45 11.48
CA PHE B 235 21.11 -15.90 12.67
C PHE B 235 20.44 -14.56 12.36
N THR B 236 19.30 -14.34 13.00
CA THR B 236 18.68 -13.03 13.11
C THR B 236 17.88 -13.01 14.40
N SER B 237 17.82 -11.83 15.03
CA SER B 237 16.91 -11.63 16.14
C SER B 237 15.48 -11.50 15.60
N ARG B 238 14.55 -12.25 16.18
CA ARG B 238 13.23 -12.44 15.59
C ARG B 238 12.15 -12.05 16.60
N LYS B 239 11.29 -11.12 16.19
CA LYS B 239 10.07 -10.79 16.92
C LYS B 239 8.95 -11.75 16.52
N VAL B 240 7.82 -11.65 17.21
CA VAL B 240 6.73 -12.61 17.10
C VAL B 240 5.57 -11.95 16.37
N PRO B 241 4.96 -12.60 15.37
CA PRO B 241 3.76 -12.02 14.74
C PRO B 241 2.63 -11.84 15.74
N ALA B 242 1.84 -10.80 15.53
CA ALA B 242 0.77 -10.47 16.46
C ALA B 242 -0.33 -11.53 16.42
N HIS B 243 -1.09 -11.58 17.51
CA HIS B 243 -2.27 -12.46 17.61
C HIS B 243 -3.40 -11.78 16.85
N MET B 244 -3.54 -12.16 15.58
CA MET B 244 -4.42 -11.46 14.65
C MET B 244 -4.77 -12.39 13.49
N PRO B 245 -5.64 -11.97 12.57
CA PRO B 245 -5.82 -12.74 11.33
C PRO B 245 -4.54 -12.73 10.51
N HIS B 246 -4.22 -13.87 9.92
CA HIS B 246 -2.97 -14.05 9.17
C HIS B 246 -3.29 -14.43 7.74
N MET B 247 -2.78 -13.65 6.80
CA MET B 247 -2.86 -14.02 5.39
C MET B 247 -1.75 -15.01 5.07
N ILE B 248 -2.10 -16.09 4.38
CA ILE B 248 -1.17 -17.15 4.02
C ILE B 248 -1.27 -17.38 2.52
N ASP B 249 -0.12 -17.55 1.87
CA ASP B 249 -0.06 -17.97 0.48
C ASP B 249 0.21 -19.46 0.44
N ARG B 250 -0.67 -20.20 -0.24
CA ARG B 250 -0.59 -21.66 -0.21
C ARG B 250 0.73 -22.16 -0.77
N LEU B 251 1.26 -21.49 -1.79
CA LEU B 251 2.51 -21.94 -2.39
C LEU B 251 3.70 -21.68 -1.47
N ILE B 252 3.72 -20.52 -0.82
CA ILE B 252 4.80 -20.22 0.12
C ILE B 252 4.75 -21.19 1.30
N MET B 253 3.54 -21.49 1.80
CA MET B 253 3.43 -22.41 2.92
C MET B 253 3.93 -23.79 2.54
N GLN B 254 3.60 -24.27 1.34
CA GLN B 254 4.08 -25.58 0.93
C GLN B 254 5.59 -25.57 0.72
N GLU B 255 6.12 -24.47 0.21
CA GLU B 255 7.57 -24.34 0.08
C GLU B 255 8.24 -24.41 1.45
N LEU B 256 7.66 -23.72 2.43
CA LEU B 256 8.16 -23.82 3.80
C LEU B 256 8.16 -25.26 4.29
N GLN B 257 7.02 -25.93 4.20
CA GLN B 257 6.92 -27.29 4.73
C GLN B 257 7.78 -28.28 3.95
N ASP B 258 8.08 -28.00 2.68
CA ASP B 258 9.04 -28.82 1.95
C ASP B 258 10.46 -28.60 2.43
N THR B 259 10.73 -27.45 3.04
CA THR B 259 12.06 -27.19 3.58
C THR B 259 12.30 -27.96 4.88
N PHE B 260 11.27 -28.06 5.73
CA PHE B 260 11.35 -28.75 7.01
C PHE B 260 10.33 -29.88 7.07
N PRO B 261 10.37 -30.82 6.13
CA PRO B 261 9.29 -31.84 6.08
C PRO B 261 9.15 -32.65 7.34
N GLN B 262 10.26 -33.09 7.93
CA GLN B 262 10.19 -33.92 9.13
C GLN B 262 9.66 -33.14 10.32
N GLU B 263 9.96 -31.84 10.38
CA GLU B 263 9.50 -31.05 11.53
C GLU B 263 8.01 -30.83 11.49
N PHE B 264 7.44 -30.55 10.32
CA PHE B 264 6.00 -30.37 10.23
C PHE B 264 5.27 -31.70 10.39
N ASP B 265 5.88 -32.79 9.95
CA ASP B 265 5.31 -34.10 10.25
C ASP B 265 5.32 -34.37 11.75
N LYS B 266 6.42 -34.01 12.42
CA LYS B 266 6.47 -34.16 13.87
C LYS B 266 5.39 -33.31 14.55
N THR B 267 5.28 -32.05 14.14
CA THR B 267 4.27 -31.17 14.74
C THR B 267 2.87 -31.74 14.54
N SER B 268 2.58 -32.25 13.34
CA SER B 268 1.28 -32.87 13.11
C SER B 268 1.09 -34.12 13.93
N SER B 269 2.16 -34.87 14.20
CA SER B 269 2.04 -36.10 14.96
C SER B 269 1.71 -35.85 16.42
N HIS B 270 1.98 -34.65 16.93
CA HIS B 270 1.67 -34.30 18.31
C HIS B 270 0.16 -34.08 18.43
N ARG B 271 -0.51 -34.98 19.14
CA ARG B 271 -1.95 -34.87 19.34
C ARG B 271 -2.32 -33.90 20.45
N VAL B 272 -1.34 -33.43 21.22
CA VAL B 272 -1.50 -32.30 22.12
C VAL B 272 -0.34 -31.35 21.88
N ARG B 273 -0.57 -30.06 22.17
CA ARG B 273 0.46 -29.05 21.97
C ARG B 273 1.76 -29.49 22.62
N HIS B 274 2.88 -29.09 22.02
CA HIS B 274 4.19 -29.63 22.38
C HIS B 274 5.24 -28.56 22.18
N SER B 275 6.30 -28.63 23.00
CA SER B 275 7.31 -27.57 23.03
C SER B 275 8.05 -27.43 21.70
N GLU B 276 8.23 -28.53 20.98
CA GLU B 276 8.95 -28.53 19.70
C GLU B 276 7.98 -28.55 18.52
N ASP B 277 6.95 -27.71 18.56
CA ASP B 277 6.04 -27.57 17.44
C ASP B 277 6.45 -26.39 16.58
N MET B 278 6.16 -26.51 15.28
CA MET B 278 6.40 -25.41 14.34
C MET B 278 5.28 -24.39 14.53
N GLN B 279 5.59 -23.28 15.19
CA GLN B 279 4.60 -22.24 15.40
C GLN B 279 4.12 -21.72 14.04
N PHE B 280 2.82 -21.81 13.80
CA PHE B 280 2.21 -21.51 12.51
C PHE B 280 2.67 -20.16 11.95
N ALA B 281 2.28 -19.07 12.61
CA ALA B 281 2.55 -17.74 12.06
C ALA B 281 4.04 -17.42 12.07
N PHE B 282 4.72 -17.75 13.17
CA PHE B 282 6.15 -17.45 13.28
C PHE B 282 6.93 -18.15 12.17
N SER B 283 6.66 -19.44 11.96
CA SER B 283 7.35 -20.19 10.92
C SER B 283 7.08 -19.61 9.55
N TYR B 284 5.81 -19.32 9.25
CA TYR B 284 5.46 -18.84 7.92
C TYR B 284 6.11 -17.48 7.63
N PHE B 285 5.91 -16.51 8.51
CA PHE B 285 6.34 -15.15 8.17
C PHE B 285 7.86 -15.03 8.15
N TYR B 286 8.57 -15.81 8.97
CA TYR B 286 10.02 -15.74 8.90
C TYR B 286 10.60 -16.56 7.76
N PHE B 287 9.87 -17.55 7.25
CA PHE B 287 10.28 -18.18 6.00
C PHE B 287 10.07 -17.20 4.84
N LEU B 288 8.91 -16.54 4.81
CA LEU B 288 8.65 -15.55 3.78
C LEU B 288 9.71 -14.45 3.78
N MET B 289 10.09 -13.97 4.97
CA MET B 289 11.06 -12.89 5.05
C MET B 289 12.49 -13.35 4.84
N SER B 290 12.77 -14.65 4.94
CA SER B 290 14.14 -15.15 4.91
C SER B 290 14.50 -15.92 3.66
N ALA B 291 13.51 -16.42 2.90
CA ALA B 291 13.81 -17.12 1.67
C ALA B 291 14.64 -16.25 0.74
N VAL B 292 15.69 -16.83 0.16
CA VAL B 292 16.63 -16.11 -0.67
C VAL B 292 16.50 -16.58 -2.11
N GLN B 293 16.59 -15.64 -3.04
CA GLN B 293 16.66 -15.93 -4.47
C GLN B 293 18.09 -15.68 -4.92
N GLN B 294 18.64 -16.60 -5.70
CA GLN B 294 19.99 -16.44 -6.21
C GLN B 294 20.00 -15.46 -7.37
N LEU B 295 21.00 -14.57 -7.37
CA LEU B 295 21.11 -13.55 -8.39
C LEU B 295 21.25 -14.19 -9.78
N ASN B 296 20.40 -13.76 -10.70
CA ASN B 296 20.42 -14.23 -12.08
C ASN B 296 21.23 -13.23 -12.91
N ILE B 297 22.43 -13.64 -13.33
CA ILE B 297 23.34 -12.73 -14.02
C ILE B 297 22.81 -12.39 -15.40
N SER B 298 22.18 -13.36 -16.07
CA SER B 298 21.58 -13.08 -17.36
C SER B 298 20.54 -11.97 -17.26
N GLU B 299 19.86 -11.87 -16.10
CA GLU B 299 18.88 -10.81 -15.92
C GLU B 299 19.53 -9.48 -15.56
N VAL B 300 20.65 -9.51 -14.82
CA VAL B 300 21.43 -8.29 -14.63
C VAL B 300 21.86 -7.73 -15.99
N PHE B 301 22.28 -8.61 -16.90
CA PHE B 301 22.71 -8.17 -18.23
C PHE B 301 21.56 -7.49 -18.98
N ASP B 302 20.38 -8.14 -19.00
CA ASP B 302 19.26 -7.59 -19.74
C ASP B 302 18.84 -6.22 -19.20
N GLU B 303 19.04 -5.97 -17.90
CA GLU B 303 18.75 -4.66 -17.34
C GLU B 303 19.72 -3.61 -17.88
N ILE B 304 20.99 -3.96 -17.99
CA ILE B 304 22.00 -3.01 -18.47
C ILE B 304 21.87 -2.81 -19.97
N ASP B 305 21.42 -3.83 -20.69
CA ASP B 305 21.34 -3.80 -22.16
C ASP B 305 20.03 -3.12 -22.58
N THR B 306 20.01 -1.80 -22.37
CA THR B 306 18.76 -1.06 -22.43
C THR B 306 18.18 -0.95 -23.84
N ASP B 307 18.98 -1.15 -24.89
CA ASP B 307 18.43 -1.21 -26.24
C ASP B 307 18.12 -2.64 -26.68
N HIS B 308 18.28 -3.62 -25.79
CA HIS B 308 17.93 -5.01 -26.07
C HIS B 308 18.67 -5.54 -27.29
N SER B 309 19.88 -5.04 -27.52
CA SER B 309 20.64 -5.45 -28.69
C SER B 309 21.38 -6.76 -28.49
N GLY B 310 21.57 -7.20 -27.25
CA GLY B 310 22.36 -8.37 -26.95
C GLY B 310 23.84 -8.10 -26.77
N VAL B 311 24.28 -6.87 -26.98
CA VAL B 311 25.67 -6.48 -26.80
C VAL B 311 25.70 -5.19 -25.99
N LEU B 312 26.66 -5.09 -25.07
CA LEU B 312 26.80 -3.90 -24.24
C LEU B 312 27.68 -2.89 -24.96
N SER B 313 27.13 -1.70 -25.20
CA SER B 313 27.89 -0.58 -25.73
C SER B 313 28.75 0.03 -24.63
N ASP B 314 29.59 0.99 -25.02
CA ASP B 314 30.42 1.68 -24.04
C ASP B 314 29.56 2.32 -22.95
N ARG B 315 28.46 2.97 -23.33
CA ARG B 315 27.65 3.67 -22.34
C ARG B 315 26.90 2.69 -21.44
N GLU B 316 26.52 1.52 -21.97
CA GLU B 316 25.92 0.49 -21.13
C GLU B 316 26.96 -0.16 -20.23
N ILE B 317 28.20 -0.29 -20.71
CA ILE B 317 29.26 -0.86 -19.89
C ILE B 317 29.55 0.04 -18.70
N ARG B 318 29.52 1.37 -18.91
CA ARG B 318 29.79 2.27 -17.80
C ARG B 318 28.84 2.02 -16.65
N THR B 319 27.56 1.77 -16.95
CA THR B 319 26.59 1.51 -15.89
C THR B 319 26.95 0.25 -15.13
N LEU B 320 27.27 -0.83 -15.85
CA LEU B 320 27.77 -2.03 -15.18
C LEU B 320 28.96 -1.69 -14.30
N ALA B 321 29.91 -0.92 -14.83
CA ALA B 321 31.11 -0.56 -14.07
C ALA B 321 30.74 0.13 -12.76
N THR B 322 29.82 1.11 -12.81
CA THR B 322 29.45 1.84 -11.60
C THR B 322 28.80 0.93 -10.57
N ARG B 323 28.29 -0.23 -10.98
CA ARG B 323 27.54 -1.09 -10.07
C ARG B 323 28.37 -2.20 -9.44
N ILE B 324 29.61 -2.40 -9.89
CA ILE B 324 30.54 -3.32 -9.22
C ILE B 324 31.71 -2.59 -8.60
N HIS B 325 31.72 -1.25 -8.64
CA HIS B 325 32.77 -0.45 -8.05
C HIS B 325 32.17 0.64 -7.18
N GLU B 326 32.93 1.02 -6.16
CA GLU B 326 32.57 2.16 -5.32
C GLU B 326 32.75 3.46 -6.10
N LEU B 327 31.91 4.43 -5.80
CA LEU B 327 32.03 5.71 -6.49
C LEU B 327 32.97 6.63 -5.72
N PRO B 328 33.60 7.62 -6.38
CA PRO B 328 33.51 7.88 -7.83
C PRO B 328 34.21 6.81 -8.67
N LEU B 329 33.74 6.59 -9.88
CA LEU B 329 34.33 5.59 -10.78
C LEU B 329 35.62 6.15 -11.36
N SER B 330 36.74 5.48 -11.08
CA SER B 330 38.02 5.89 -11.60
C SER B 330 38.24 5.32 -13.00
N LEU B 331 39.17 5.91 -13.73
CA LEU B 331 39.55 5.36 -15.02
C LEU B 331 40.17 3.97 -14.87
N GLN B 332 40.80 3.70 -13.73
CA GLN B 332 41.35 2.37 -13.50
C GLN B 332 40.24 1.35 -13.32
N ASP B 333 39.19 1.71 -12.58
CA ASP B 333 38.05 0.81 -12.45
C ASP B 333 37.46 0.46 -13.81
N LEU B 334 37.35 1.44 -14.70
CA LEU B 334 36.72 1.19 -16.00
C LEU B 334 37.61 0.33 -16.88
N THR B 335 38.90 0.66 -16.98
CA THR B 335 39.79 -0.12 -17.82
C THR B 335 39.98 -1.53 -17.27
N SER B 336 39.97 -1.68 -15.94
CA SER B 336 40.06 -3.02 -15.37
C SER B 336 38.91 -3.89 -15.86
N LEU B 337 37.68 -3.37 -15.79
CA LEU B 337 36.53 -4.10 -16.32
C LEU B 337 36.73 -4.43 -17.80
N GLU B 338 37.23 -3.47 -18.58
CA GLU B 338 37.50 -3.72 -19.98
C GLU B 338 38.52 -4.83 -20.16
N GLN B 339 39.63 -4.76 -19.42
CA GLN B 339 40.65 -5.80 -19.51
C GLN B 339 40.07 -7.17 -19.14
N MET B 340 39.23 -7.23 -18.10
CA MET B 340 38.60 -8.49 -17.76
C MET B 340 37.80 -9.05 -18.93
N LEU B 341 37.06 -8.18 -19.63
CA LEU B 341 36.27 -8.64 -20.76
C LEU B 341 37.17 -9.14 -21.90
N ILE B 342 38.27 -8.43 -22.17
CA ILE B 342 39.16 -8.83 -23.25
C ILE B 342 39.87 -10.14 -22.91
N ASN B 343 40.41 -10.23 -21.69
CA ASN B 343 41.06 -11.47 -21.27
C ASN B 343 40.08 -12.64 -21.33
N CYS B 344 38.82 -12.40 -21.02
CA CYS B 344 37.84 -13.49 -20.99
C CYS B 344 37.47 -13.94 -22.40
N SER B 345 37.35 -13.00 -23.34
CA SER B 345 37.02 -13.38 -24.72
C SER B 345 38.10 -14.28 -25.31
N LYS B 346 39.36 -14.04 -24.95
CA LYS B 346 40.45 -14.88 -25.45
C LYS B 346 40.47 -16.23 -24.76
N SER B 347 40.33 -16.24 -23.43
CA SER B 347 40.46 -17.48 -22.67
C SER B 347 39.26 -18.39 -22.91
N LEU B 348 38.05 -17.83 -22.94
CA LEU B 348 36.85 -18.64 -23.02
C LEU B 348 36.70 -19.27 -24.41
N PRO B 349 35.94 -20.36 -24.52
CA PRO B 349 35.67 -20.93 -25.84
C PRO B 349 34.82 -19.99 -26.67
N SER B 350 35.09 -19.96 -27.98
CA SER B 350 34.30 -19.13 -28.88
C SER B 350 32.84 -19.53 -28.91
N ASN B 351 32.54 -20.79 -28.56
CA ASN B 351 31.15 -21.24 -28.58
C ASN B 351 30.33 -20.58 -27.49
N LEU B 352 30.94 -20.27 -26.34
CA LEU B 352 30.24 -19.64 -25.23
C LEU B 352 30.14 -18.13 -25.37
N THR B 353 31.15 -17.50 -25.97
CA THR B 353 31.15 -16.06 -26.17
C THR B 353 30.26 -15.63 -27.33
N HIS B 354 29.79 -16.57 -28.15
CA HIS B 354 28.87 -16.27 -29.25
C HIS B 354 29.29 -15.03 -30.03
N SER B 359 26.95 -9.29 -37.82
CA SER B 359 26.67 -8.20 -36.88
C SER B 359 25.29 -7.59 -37.15
N PRO B 360 24.24 -8.12 -36.52
CA PRO B 360 22.92 -7.48 -36.64
C PRO B 360 22.98 -5.98 -36.41
N THR B 361 23.70 -5.55 -35.38
CA THR B 361 24.10 -4.16 -35.22
C THR B 361 25.60 -4.12 -35.01
N GLN B 362 26.20 -2.95 -35.26
CA GLN B 362 27.64 -2.78 -35.22
C GLN B 362 28.01 -1.86 -34.07
N GLU B 363 28.63 -2.42 -33.04
CA GLU B 363 29.05 -1.65 -31.87
C GLU B 363 30.50 -1.22 -32.05
N ALA B 364 30.76 0.07 -31.88
CA ALA B 364 32.11 0.64 -31.95
C ALA B 364 32.54 1.07 -30.56
N TYR B 365 33.70 0.59 -30.12
CA TYR B 365 34.18 0.80 -28.77
C TYR B 365 35.38 1.74 -28.75
N TYR B 366 35.49 2.52 -27.68
CA TYR B 366 36.64 3.39 -27.51
C TYR B 366 37.94 2.61 -27.63
N ASP B 367 38.02 1.46 -26.95
CA ASP B 367 39.17 0.57 -27.03
C ASP B 367 39.06 -0.31 -28.27
N PRO B 368 39.95 -0.17 -29.25
CA PRO B 368 39.82 -0.97 -30.48
C PRO B 368 40.06 -2.46 -30.27
N SER B 369 40.48 -2.89 -29.09
CA SER B 369 40.62 -4.31 -28.78
C SER B 369 39.36 -4.91 -28.17
N MET B 370 38.36 -4.10 -27.86
CA MET B 370 37.16 -4.59 -27.19
C MET B 370 36.34 -5.45 -28.15
N PRO B 371 36.08 -6.71 -27.83
CA PRO B 371 35.19 -7.52 -28.68
C PRO B 371 33.75 -7.22 -28.37
N PRO B 372 32.82 -7.70 -29.19
CA PRO B 372 31.40 -7.54 -28.86
C PRO B 372 31.09 -8.10 -27.48
N VAL B 373 30.69 -7.23 -26.56
CA VAL B 373 30.40 -7.66 -25.19
C VAL B 373 29.02 -8.30 -25.16
N THR B 374 28.98 -9.60 -25.44
CA THR B 374 27.74 -10.35 -25.48
C THR B 374 27.34 -10.82 -24.09
N LYS B 375 26.09 -11.27 -23.98
CA LYS B 375 25.65 -11.91 -22.74
C LYS B 375 26.51 -13.14 -22.44
N GLY B 376 26.83 -13.92 -23.48
CA GLY B 376 27.69 -15.07 -23.26
C GLY B 376 29.02 -14.69 -22.65
N LEU B 377 29.64 -13.63 -23.18
CA LEU B 377 30.93 -13.19 -22.65
C LEU B 377 30.81 -12.84 -21.17
N VAL B 378 29.76 -12.10 -20.81
CA VAL B 378 29.62 -11.66 -19.42
C VAL B 378 29.26 -12.83 -18.51
N ILE B 379 28.33 -13.69 -18.96
CA ILE B 379 27.89 -14.80 -18.13
C ILE B 379 29.08 -15.63 -17.63
N HIS B 380 29.98 -15.98 -18.55
CA HIS B 380 31.02 -16.95 -18.27
C HIS B 380 32.36 -16.31 -17.90
N CYS B 381 32.38 -15.01 -17.62
CA CYS B 381 33.61 -14.32 -17.20
C CYS B 381 33.60 -14.25 -15.68
N LYS B 382 34.23 -15.25 -15.06
CA LYS B 382 34.18 -15.37 -13.61
C LYS B 382 34.71 -14.14 -12.89
N PRO B 383 35.83 -13.54 -13.28
CA PRO B 383 36.25 -12.30 -12.60
C PRO B 383 35.16 -11.24 -12.52
N ILE B 384 34.29 -11.16 -13.52
CA ILE B 384 33.24 -10.15 -13.50
C ILE B 384 32.04 -10.62 -12.68
N THR B 385 31.62 -11.87 -12.88
CA THR B 385 30.45 -12.38 -12.17
C THR B 385 30.72 -12.51 -10.68
N GLU B 386 31.98 -12.71 -10.29
CA GLU B 386 32.31 -12.67 -8.87
C GLU B 386 32.10 -11.28 -8.29
N ARG B 387 32.61 -10.26 -8.99
CA ARG B 387 32.40 -8.90 -8.52
C ARG B 387 30.94 -8.50 -8.54
N ILE B 388 30.17 -9.03 -9.50
CA ILE B 388 28.73 -8.79 -9.51
C ILE B 388 28.07 -9.44 -8.30
N HIS B 389 28.34 -10.72 -8.08
CA HIS B 389 27.78 -11.40 -6.92
C HIS B 389 28.22 -10.73 -5.62
N LYS B 390 29.43 -10.16 -5.59
CA LYS B 390 29.89 -9.47 -4.40
C LYS B 390 29.16 -8.13 -4.22
N ALA B 391 28.92 -7.41 -5.32
CA ALA B 391 28.34 -6.08 -5.22
C ALA B 391 26.84 -6.11 -4.95
N PHE B 392 26.14 -7.09 -5.52
CA PHE B 392 24.77 -7.40 -5.12
C PHE B 392 24.74 -8.79 -4.53
N LYS B 393 24.19 -8.94 -3.33
CA LYS B 393 24.10 -10.24 -2.69
C LYS B 393 22.80 -10.35 -1.90
N ASP B 394 22.35 -11.58 -1.72
CA ASP B 394 21.19 -11.89 -0.89
C ASP B 394 19.97 -11.09 -1.32
N GLN B 395 19.35 -11.49 -2.43
CA GLN B 395 18.07 -10.96 -2.82
C GLN B 395 16.97 -11.79 -2.18
N ASN B 396 16.07 -11.12 -1.46
CA ASN B 396 14.92 -11.81 -0.90
C ASN B 396 14.05 -12.36 -2.03
N LYS B 397 13.61 -13.60 -1.86
CA LYS B 397 12.70 -14.18 -2.84
C LYS B 397 11.32 -13.52 -2.79
N TYR B 398 10.94 -12.95 -1.65
CA TYR B 398 9.60 -12.39 -1.47
C TYR B 398 9.69 -10.98 -0.90
N LYS B 399 8.74 -10.15 -1.31
CA LYS B 399 8.59 -8.82 -0.76
C LYS B 399 7.72 -8.88 0.49
N PHE B 400 8.01 -7.98 1.44
CA PHE B 400 7.22 -7.89 2.66
C PHE B 400 7.40 -6.51 3.26
N GLU B 401 6.45 -6.14 4.13
CA GLU B 401 6.43 -4.82 4.76
C GLU B 401 6.21 -5.01 6.26
N ILE B 402 7.18 -4.55 7.05
CA ILE B 402 7.04 -4.63 8.50
C ILE B 402 6.03 -3.60 8.96
N MET B 403 5.09 -4.03 9.80
CA MET B 403 4.06 -3.16 10.35
C MET B 403 4.22 -3.07 11.87
N GLY B 404 3.67 -2.00 12.43
CA GLY B 404 3.53 -1.88 13.86
C GLY B 404 2.29 -2.60 14.34
N GLU B 405 1.99 -2.41 15.63
CA GLU B 405 0.87 -3.09 16.27
C GLU B 405 -0.25 -2.13 16.65
N GLU B 406 -0.29 -0.94 16.04
CA GLU B 406 -1.30 0.04 16.39
C GLU B 406 -2.72 -0.48 16.16
N GLU B 407 -2.91 -1.33 15.15
CA GLU B 407 -4.25 -1.74 14.74
C GLU B 407 -4.68 -3.06 15.38
N ILE B 408 -3.90 -3.62 16.31
CA ILE B 408 -4.23 -4.88 16.96
C ILE B 408 -4.65 -4.58 18.39
N ALA B 409 -5.78 -5.15 18.80
CA ALA B 409 -6.24 -5.10 20.19
C ALA B 409 -6.26 -6.54 20.71
N PHE B 410 -5.21 -6.91 21.43
CA PHE B 410 -5.10 -8.24 22.03
C PHE B 410 -5.33 -8.11 23.54
N LYS B 411 -6.33 -8.82 24.05
CA LYS B 411 -6.69 -8.76 25.46
C LYS B 411 -6.72 -10.17 26.01
N MET B 412 -5.95 -10.41 27.07
CA MET B 412 -6.04 -11.65 27.83
C MET B 412 -7.18 -11.50 28.83
N ILE B 413 -8.24 -12.28 28.66
CA ILE B 413 -9.43 -12.18 29.49
C ILE B 413 -9.28 -13.16 30.65
N ARG B 414 -9.22 -12.64 31.87
CA ARG B 414 -9.19 -13.48 33.06
C ARG B 414 -10.54 -13.37 33.78
N THR B 415 -10.54 -13.36 35.11
CA THR B 415 -11.80 -13.37 35.86
C THR B 415 -11.98 -12.17 36.78
N ASN B 416 -11.06 -11.21 36.77
CA ASN B 416 -11.23 -9.96 37.50
C ASN B 416 -12.19 -9.08 36.70
N VAL B 417 -13.42 -8.94 37.21
CA VAL B 417 -14.48 -8.28 36.44
C VAL B 417 -14.10 -6.83 36.16
N SER B 418 -13.76 -6.08 37.21
CA SER B 418 -13.38 -4.68 37.02
C SER B 418 -12.35 -4.54 35.91
N HIS B 419 -11.39 -5.45 35.85
CA HIS B 419 -10.33 -5.35 34.85
C HIS B 419 -10.86 -5.66 33.45
N VAL B 420 -11.75 -6.65 33.34
CA VAL B 420 -12.28 -7.02 32.03
C VAL B 420 -13.12 -5.90 31.45
N VAL B 421 -13.96 -5.27 32.29
CA VAL B 421 -14.73 -4.13 31.82
C VAL B 421 -13.81 -3.04 31.28
N GLY B 422 -12.68 -2.82 31.96
CA GLY B 422 -11.73 -1.82 31.48
C GLY B 422 -11.12 -2.19 30.14
N GLN B 423 -10.81 -3.47 29.94
CA GLN B 423 -10.22 -3.89 28.67
C GLN B 423 -11.19 -3.68 27.52
N LEU B 424 -12.46 -4.07 27.71
CA LEU B 424 -13.43 -3.97 26.63
C LEU B 424 -13.86 -2.54 26.37
N ASP B 425 -13.92 -1.71 27.42
CA ASP B 425 -14.22 -0.29 27.21
C ASP B 425 -13.10 0.39 26.42
N ASP B 426 -11.86 -0.08 26.56
CA ASP B 426 -10.78 0.46 25.75
C ASP B 426 -11.01 0.21 24.26
N ILE B 427 -11.63 -0.92 23.92
CA ILE B 427 -11.94 -1.20 22.51
C ILE B 427 -13.17 -0.41 22.07
N ARG B 428 -14.16 -0.27 22.95
CA ARG B 428 -15.31 0.60 22.65
C ARG B 428 -14.83 2.00 22.31
N LYS B 429 -13.93 2.55 23.14
CA LYS B 429 -13.49 3.93 22.95
C LYS B 429 -12.53 4.05 21.78
N ASN B 430 -11.67 3.05 21.59
CA ASN B 430 -10.60 3.09 20.60
C ASN B 430 -10.75 1.92 19.63
N PRO B 431 -11.56 2.06 18.58
CA PRO B 431 -11.75 0.94 17.67
C PRO B 431 -10.44 0.50 17.02
N ARG B 432 -10.32 -0.80 16.78
CA ARG B 432 -9.14 -1.40 16.21
C ARG B 432 -9.55 -2.34 15.08
N LYS B 433 -8.70 -2.47 14.06
CA LYS B 433 -9.00 -3.37 12.95
C LYS B 433 -9.04 -4.82 13.39
N PHE B 434 -8.12 -5.22 14.26
CA PHE B 434 -7.92 -6.63 14.62
C PHE B 434 -8.10 -6.78 16.13
N ILE B 435 -9.06 -7.59 16.53
CA ILE B 435 -9.41 -7.80 17.93
C ILE B 435 -9.19 -9.27 18.26
N CYS B 436 -8.54 -9.53 19.39
CA CYS B 436 -8.37 -10.89 19.89
C CYS B 436 -8.62 -10.87 21.39
N LEU B 437 -9.71 -11.51 21.81
CA LEU B 437 -10.07 -11.65 23.22
C LEU B 437 -9.77 -13.09 23.61
N ASN B 438 -8.55 -13.32 24.10
CA ASN B 438 -8.07 -14.67 24.37
C ASN B 438 -8.56 -15.16 25.72
N ASP B 439 -9.03 -16.41 25.75
CA ASP B 439 -9.65 -16.98 26.93
C ASP B 439 -8.58 -17.41 27.92
N ASN B 440 -8.47 -16.67 29.03
CA ASN B 440 -7.70 -17.09 30.19
C ASN B 440 -8.59 -17.11 31.42
N ILE B 441 -9.86 -17.45 31.24
CA ILE B 441 -10.85 -17.39 32.30
C ILE B 441 -10.75 -18.64 33.15
N ASP B 442 -10.98 -18.47 34.46
CA ASP B 442 -11.10 -19.57 35.40
C ASP B 442 -12.58 -19.70 35.77
N HIS B 443 -13.20 -20.79 35.31
CA HIS B 443 -14.64 -20.94 35.46
C HIS B 443 -15.06 -21.34 36.86
N ILE B 444 -14.16 -21.94 37.64
CA ILE B 444 -14.48 -22.24 39.04
C ILE B 444 -14.67 -20.95 39.82
N HIS B 445 -13.92 -19.91 39.48
CA HIS B 445 -14.04 -18.63 40.17
C HIS B 445 -15.47 -18.12 40.08
N LYS B 446 -15.97 -17.59 41.20
CA LYS B 446 -17.37 -17.20 41.28
C LYS B 446 -17.73 -16.15 40.24
N ASP B 447 -16.86 -15.15 40.05
CA ASP B 447 -17.11 -14.09 39.07
C ASP B 447 -17.07 -14.58 37.62
N ALA B 448 -16.90 -15.89 37.38
CA ALA B 448 -16.79 -16.37 36.01
C ALA B 448 -18.01 -16.00 35.18
N GLY B 449 -19.21 -16.31 35.69
CA GLY B 449 -20.42 -16.02 34.94
C GLY B 449 -20.56 -14.55 34.63
N THR B 450 -20.26 -13.68 35.62
CA THR B 450 -20.31 -12.24 35.38
C THR B 450 -19.42 -11.86 34.20
N VAL B 451 -18.18 -12.33 34.21
CA VAL B 451 -17.26 -12.06 33.11
C VAL B 451 -17.88 -12.49 31.78
N LYS B 452 -18.41 -13.71 31.73
CA LYS B 452 -19.03 -14.19 30.50
C LYS B 452 -20.14 -13.28 30.05
N ALA B 453 -20.87 -12.67 30.99
CA ALA B 453 -21.94 -11.74 30.62
C ALA B 453 -21.36 -10.45 30.05
N VAL B 454 -20.37 -9.87 30.74
CA VAL B 454 -19.72 -8.66 30.22
C VAL B 454 -19.24 -8.89 28.80
N LEU B 455 -18.70 -10.07 28.51
CA LEU B 455 -18.22 -10.37 27.17
C LEU B 455 -19.37 -10.40 26.16
N ARG B 456 -20.43 -11.14 26.49
CA ARG B 456 -21.60 -11.16 25.61
C ARG B 456 -22.11 -9.75 25.34
N ASP B 457 -22.15 -8.91 26.37
CA ASP B 457 -22.63 -7.54 26.20
C ASP B 457 -21.74 -6.76 25.23
N PHE B 458 -20.41 -6.90 25.38
CA PHE B 458 -19.50 -6.25 24.46
C PHE B 458 -19.70 -6.75 23.04
N TYR B 459 -19.77 -8.07 22.86
CA TYR B 459 -19.97 -8.63 21.53
C TYR B 459 -21.26 -8.11 20.91
N GLU B 460 -22.36 -8.13 21.69
CA GLU B 460 -23.64 -7.68 21.16
C GLU B 460 -23.64 -6.20 20.83
N SER B 461 -22.81 -5.40 21.53
CA SER B 461 -22.76 -3.97 21.25
C SER B 461 -22.11 -3.70 19.90
N MET B 462 -21.16 -4.55 19.48
CA MET B 462 -20.48 -4.36 18.21
C MET B 462 -21.21 -5.03 17.05
N PHE B 463 -21.76 -6.21 17.27
CA PHE B 463 -22.32 -7.04 16.20
C PHE B 463 -23.64 -7.63 16.66
N PRO B 464 -24.69 -6.80 16.72
CA PRO B 464 -26.00 -7.29 17.17
C PRO B 464 -26.80 -7.99 16.09
N LEU B 465 -26.42 -7.87 14.82
CA LEU B 465 -27.23 -8.38 13.73
C LEU B 465 -26.79 -9.81 13.38
N PRO B 466 -27.70 -10.79 13.43
CA PRO B 466 -27.31 -12.14 13.00
C PRO B 466 -26.88 -12.16 11.54
N SER B 467 -25.95 -13.06 11.23
CA SER B 467 -25.35 -13.14 9.91
C SER B 467 -26.04 -14.20 9.05
N GLN B 468 -25.82 -14.10 7.74
CA GLN B 468 -26.29 -15.11 6.80
C GLN B 468 -25.79 -16.50 7.13
N PHE B 469 -24.81 -16.63 8.02
CA PHE B 469 -24.27 -17.93 8.41
C PHE B 469 -24.93 -18.52 9.65
N GLU B 470 -25.87 -17.80 10.27
CA GLU B 470 -26.58 -18.26 11.45
C GLU B 470 -27.96 -18.77 11.06
N LEU B 471 -28.32 -19.95 11.56
CA LEU B 471 -29.69 -20.40 11.45
C LEU B 471 -30.59 -19.46 12.26
N PRO B 472 -31.88 -19.42 11.93
CA PRO B 472 -32.81 -18.66 12.78
C PRO B 472 -32.75 -19.16 14.21
N ARG B 473 -32.95 -18.24 15.16
CA ARG B 473 -32.72 -18.55 16.57
C ARG B 473 -33.55 -19.72 17.05
N GLU B 474 -34.75 -19.91 16.49
CA GLU B 474 -35.62 -21.01 16.91
C GLU B 474 -35.20 -22.35 16.33
N TYR B 475 -34.32 -22.37 15.34
CA TYR B 475 -33.86 -23.60 14.73
C TYR B 475 -32.45 -23.96 15.21
N ARG B 476 -32.08 -25.22 14.98
CA ARG B 476 -30.75 -25.70 15.28
C ARG B 476 -30.47 -26.91 14.41
N ASN B 477 -29.19 -27.17 14.16
CA ASN B 477 -28.81 -28.33 13.38
C ASN B 477 -29.18 -29.61 14.11
N ARG B 478 -29.66 -30.60 13.36
CA ARG B 478 -30.14 -31.83 13.98
C ARG B 478 -28.99 -32.66 14.51
N PHE B 479 -27.85 -32.67 13.82
CA PHE B 479 -26.71 -33.49 14.18
C PHE B 479 -25.53 -32.61 14.56
N LEU B 480 -24.83 -33.00 15.62
CA LEU B 480 -23.68 -32.28 16.12
C LEU B 480 -22.37 -32.70 15.45
N HIS B 481 -22.38 -33.78 14.67
CA HIS B 481 -21.17 -34.30 14.06
C HIS B 481 -21.43 -34.64 12.60
N MET B 482 -20.37 -34.52 11.79
CA MET B 482 -20.52 -34.62 10.34
C MET B 482 -20.83 -36.05 9.90
N THR B 483 -20.26 -37.04 10.58
CA THR B 483 -20.50 -38.43 10.18
C THR B 483 -21.97 -38.81 10.36
N GLU B 484 -22.60 -38.34 11.44
CA GLU B 484 -24.02 -38.58 11.62
C GLU B 484 -24.83 -37.95 10.50
N LEU B 485 -24.50 -36.71 10.13
CA LEU B 485 -25.22 -36.04 9.05
C LEU B 485 -25.06 -36.78 7.73
N GLN B 486 -23.83 -37.22 7.41
CA GLN B 486 -23.61 -37.96 6.17
C GLN B 486 -24.47 -39.21 6.12
N GLU B 487 -24.66 -39.89 7.26
CA GLU B 487 -25.48 -41.09 7.28
C GLU B 487 -26.95 -40.76 7.07
N TRP B 488 -27.45 -39.73 7.75
CA TRP B 488 -28.85 -39.36 7.59
C TRP B 488 -29.18 -39.01 6.15
N ARG B 489 -28.30 -38.26 5.49
CA ARG B 489 -28.57 -37.85 4.11
C ARG B 489 -28.66 -39.06 3.18
N ILE B 490 -27.86 -40.09 3.44
CA ILE B 490 -27.88 -41.27 2.58
C ILE B 490 -29.13 -42.10 2.85
N TYR B 491 -29.54 -42.21 4.11
CA TYR B 491 -30.76 -42.95 4.44
C TYR B 491 -31.97 -42.29 3.78
N ARG B 492 -32.09 -40.97 3.88
CA ARG B 492 -33.23 -40.27 3.33
C ARG B 492 -33.33 -40.47 1.82
N ASP B 493 -32.26 -40.13 1.10
CA ASP B 493 -32.29 -40.16 -0.36
C ASP B 493 -32.19 -41.57 -0.93
N LYS B 494 -32.15 -42.59 -0.09
CA LYS B 494 -32.05 -43.97 -0.58
C LYS B 494 -33.30 -44.36 -1.36
N LEU B 495 -33.11 -45.27 -2.32
CA LEU B 495 -34.22 -45.75 -3.12
C LEU B 495 -35.13 -46.66 -2.29
#